data_5Z74
#
_entry.id   5Z74
#
_cell.length_a   166.946
_cell.length_b   82.171
_cell.length_c   97.446
_cell.angle_alpha   90.00
_cell.angle_beta   119.13
_cell.angle_gamma   90.00
#
_symmetry.space_group_name_H-M   'C 1 2 1'
#
loop_
_entity.id
_entity.type
_entity.pdbx_description
1 polymer 'Alr0819 protein'
2 branched beta-D-fructofuranose-(2-1)-alpha-D-glucopyranose
3 water water
#
_entity_poly.entity_id   1
_entity_poly.type   'polypeptide(L)'
_entity_poly.pdbx_seq_one_letter_code
;(MSE)HHHHHHGTNDIIEESAWEALEKSILYYKGRPVGTVAAFDASVEALNYDQCFVRDFVSSALIFLIKGKTDIVRNFL
EETLKLQPKDRQLDAYKPGRGLIPASFKVVSDNGEEYLEADFGEHAIARVTPVDSCLWWILLLRAYVVASKDFSLAYQPE
FQTGIRLI(MSE)EICLANRFD(MSE)YPTLLVPDGAC(MSE)IDRRLGIYGHPLELQVLFYAALRAARE(MSE)LICQG
NQDVVEAIDNRLPLLCAHIRQHYWIDINRLNAIYRFKSEEYGKAAVNLFNIYVDSIPYYELDKWLPKKGGYLAGNVGPSQ
LDTRFFALGNL(MSE)AIISDLATEEQSQAI(MSE)TLIEDRWEDLVGD(MSE)P(MSE)KICYPALENEEYRIVTGCDP
KNIPWSYHNAGSWPVL(MSE)W(MSE)LAAASVKAGKPYIAGKAIEIAQARLLEDEWPEYYDGKKGRLIGKQARKYQTWT
IAGFLLAAEL(MSE)KNPSLLSLIS
;
_entity_poly.pdbx_strand_id   B,A
#
loop_
_chem_comp.id
_chem_comp.type
_chem_comp.name
_chem_comp.formula
FRU D-saccharide, beta linking beta-D-fructofuranose 'C6 H12 O6'
GLC D-saccharide, alpha linking alpha-D-glucopyranose 'C6 H12 O6'
#
# COMPACT_ATOMS: atom_id res chain seq x y z
N ASP A 11 -40.64 11.86 18.89
CA ASP A 11 -40.95 11.48 20.30
C ASP A 11 -39.92 12.06 21.27
N ILE A 12 -39.98 11.66 22.54
CA ILE A 12 -39.11 12.22 23.58
C ILE A 12 -37.63 11.92 23.33
N ILE A 13 -37.35 10.69 22.89
CA ILE A 13 -35.96 10.24 22.68
C ILE A 13 -35.31 10.99 21.54
N GLU A 14 -36.04 11.16 20.43
CA GLU A 14 -35.54 11.94 19.31
C GLU A 14 -35.28 13.38 19.77
N GLU A 15 -36.25 14.02 20.43
CA GLU A 15 -36.06 15.40 20.93
C GLU A 15 -34.80 15.51 21.82
N SER A 16 -34.55 14.48 22.63
CA SER A 16 -33.37 14.44 23.50
C SER A 16 -32.05 14.34 22.69
N ALA A 17 -32.06 13.55 21.62
CA ALA A 17 -30.91 13.43 20.72
C ALA A 17 -30.65 14.75 19.99
N TRP A 18 -31.74 15.35 19.51
CA TRP A 18 -31.71 16.65 18.84
CA TRP A 18 -31.69 16.63 18.83
C TRP A 18 -31.02 17.70 19.69
N GLU A 19 -31.38 17.78 20.97
CA GLU A 19 -30.78 18.77 21.88
C GLU A 19 -29.27 18.56 21.98
N ALA A 20 -28.83 17.32 22.15
CA ALA A 20 -27.40 17.01 22.19
C ALA A 20 -26.72 17.39 20.87
N LEU A 21 -27.39 17.12 19.75
CA LEU A 21 -26.80 17.41 18.45
C LEU A 21 -26.60 18.92 18.22
N GLU A 22 -27.58 19.72 18.62
CA GLU A 22 -27.47 21.19 18.49
C GLU A 22 -26.23 21.73 19.21
N LYS A 23 -25.92 21.17 20.37
CA LYS A 23 -24.78 21.62 21.17
C LYS A 23 -23.44 21.33 20.53
N SER A 24 -23.40 20.30 19.68
CA SER A 24 -22.14 19.87 19.05
C SER A 24 -21.74 20.76 17.88
N ILE A 25 -22.58 21.71 17.51
CA ILE A 25 -22.31 22.58 16.35
C ILE A 25 -21.04 23.39 16.61
N LEU A 26 -20.19 23.46 15.59
CA LEU A 26 -18.94 24.21 15.64
C LEU A 26 -19.09 25.51 14.89
N TYR A 27 -18.68 26.61 15.51
CA TYR A 27 -18.78 27.93 14.90
C TYR A 27 -17.42 28.46 14.47
N TYR A 28 -17.42 29.08 13.31
CA TYR A 28 -16.25 29.73 12.75
C TYR A 28 -16.71 31.08 12.23
N LYS A 29 -16.09 32.15 12.71
CA LYS A 29 -16.51 33.52 12.41
C LYS A 29 -18.01 33.72 12.64
N GLY A 30 -18.53 33.17 13.73
CA GLY A 30 -19.94 33.31 14.05
C GLY A 30 -20.95 32.57 13.16
N ARG A 31 -20.48 31.69 12.28
CA ARG A 31 -21.40 30.84 11.51
C ARG A 31 -21.04 29.37 11.65
N PRO A 32 -22.06 28.50 11.60
CA PRO A 32 -21.85 27.06 11.74
C PRO A 32 -21.06 26.50 10.56
N VAL A 33 -20.00 25.76 10.85
CA VAL A 33 -19.16 25.14 9.81
C VAL A 33 -19.00 23.63 9.96
N GLY A 34 -19.62 23.06 10.99
CA GLY A 34 -19.54 21.62 11.22
C GLY A 34 -20.04 21.25 12.59
N THR A 35 -19.75 20.03 13.01
CA THR A 35 -20.00 19.59 14.38
C THR A 35 -18.75 18.95 14.96
N VAL A 36 -18.57 19.09 16.27
CA VAL A 36 -17.44 18.46 16.94
C VAL A 36 -17.71 16.97 17.11
N ALA A 37 -16.63 16.20 17.24
CA ALA A 37 -16.74 14.75 17.34
C ALA A 37 -17.46 14.28 18.60
N ALA A 38 -17.31 15.03 19.69
CA ALA A 38 -17.93 14.66 20.95
C ALA A 38 -17.99 15.89 21.85
N PHE A 39 -19.19 16.34 22.19
CA PHE A 39 -19.33 17.58 22.91
C PHE A 39 -19.02 17.41 24.39
N ASP A 40 -18.21 18.31 24.93
CA ASP A 40 -17.79 18.27 26.34
C ASP A 40 -18.48 19.37 27.15
N ASN A 47 -11.46 17.60 20.21
CA ASN A 47 -11.52 18.81 21.03
C ASN A 47 -12.70 19.71 20.73
N TYR A 48 -12.98 20.60 21.69
CA TYR A 48 -14.11 21.53 21.59
C TYR A 48 -14.13 22.32 20.28
N ASP A 49 -12.97 22.42 19.61
CA ASP A 49 -12.86 23.17 18.36
C ASP A 49 -12.70 22.30 17.10
N GLN A 50 -12.89 20.98 17.21
CA GLN A 50 -12.50 20.04 16.14
C GLN A 50 -13.63 19.28 15.43
N CYS A 51 -13.61 19.33 14.09
CA CYS A 51 -14.59 18.65 13.25
C CYS A 51 -13.91 17.61 12.36
N PHE A 52 -14.37 16.36 12.44
CA PHE A 52 -13.90 15.28 11.56
C PHE A 52 -14.87 15.16 10.40
N VAL A 53 -14.33 15.07 9.19
CA VAL A 53 -15.14 14.97 7.97
C VAL A 53 -16.09 13.77 7.98
N ARG A 54 -15.58 12.57 8.27
CA ARG A 54 -16.43 11.37 8.24
C ARG A 54 -17.51 11.42 9.32
N ASP A 55 -17.18 11.96 10.50
CA ASP A 55 -18.15 12.12 11.59
C ASP A 55 -19.27 13.08 11.18
N PHE A 56 -18.90 14.15 10.49
CA PHE A 56 -19.86 15.19 10.09
C PHE A 56 -20.94 14.70 9.11
N VAL A 57 -20.65 13.65 8.35
CA VAL A 57 -21.60 13.13 7.36
C VAL A 57 -23.01 12.92 7.91
N SER A 58 -23.12 12.22 9.04
CA SER A 58 -24.43 11.92 9.62
C SER A 58 -25.10 13.19 10.13
N SER A 59 -24.31 14.06 10.75
CA SER A 59 -24.79 15.39 11.17
C SER A 59 -25.33 16.15 9.96
N ALA A 60 -24.53 16.22 8.91
CA ALA A 60 -24.87 16.96 7.69
C ALA A 60 -26.19 16.50 7.09
N LEU A 61 -26.37 15.18 7.01
CA LEU A 61 -27.58 14.63 6.42
C LEU A 61 -28.82 15.02 7.21
N ILE A 62 -28.72 14.94 8.53
CA ILE A 62 -29.81 15.34 9.43
C ILE A 62 -30.14 16.82 9.24
N PHE A 63 -29.10 17.65 9.21
CA PHE A 63 -29.29 19.08 8.97
C PHE A 63 -29.96 19.34 7.61
N LEU A 64 -29.51 18.65 6.56
CA LEU A 64 -30.14 18.74 5.25
C LEU A 64 -31.62 18.33 5.31
N ILE A 65 -31.90 17.23 5.98
CA ILE A 65 -33.29 16.78 6.11
C ILE A 65 -34.14 17.83 6.82
N LYS A 66 -33.57 18.44 7.86
CA LYS A 66 -34.28 19.48 8.62
C LYS A 66 -34.28 20.88 7.97
N GLY A 67 -33.76 20.99 6.75
CA GLY A 67 -33.75 22.26 6.04
C GLY A 67 -32.70 23.27 6.50
N LYS A 68 -31.81 22.86 7.41
CA LYS A 68 -30.71 23.72 7.87
C LYS A 68 -29.47 23.46 7.03
N THR A 69 -29.42 24.07 5.85
CA THR A 69 -28.46 23.68 4.83
C THR A 69 -27.18 24.51 4.86
N ASP A 70 -27.21 25.67 5.50
CA ASP A 70 -26.08 26.60 5.43
C ASP A 70 -24.85 26.06 6.16
N ILE A 71 -25.06 25.33 7.25
CA ILE A 71 -23.95 24.64 7.92
C ILE A 71 -23.19 23.69 6.98
N VAL A 72 -23.95 22.99 6.13
CA VAL A 72 -23.35 22.02 5.21
C VAL A 72 -22.66 22.75 4.06
N ARG A 73 -23.29 23.83 3.59
CA ARG A 73 -22.68 24.68 2.56
C ARG A 73 -21.37 25.26 3.06
N ASN A 74 -21.36 25.76 4.29
CA ASN A 74 -20.15 26.36 4.87
C ASN A 74 -19.07 25.33 5.11
N PHE A 75 -19.48 24.16 5.61
CA PHE A 75 -18.57 23.04 5.76
C PHE A 75 -17.89 22.73 4.42
N LEU A 76 -18.70 22.61 3.37
CA LEU A 76 -18.18 22.24 2.03
C LEU A 76 -17.19 23.27 1.49
N GLU A 77 -17.56 24.54 1.61
CA GLU A 77 -16.72 25.66 1.15
C GLU A 77 -15.37 25.72 1.86
N GLU A 78 -15.40 25.59 3.18
CA GLU A 78 -14.20 25.72 4.00
C GLU A 78 -13.26 24.53 3.85
N THR A 79 -13.80 23.31 3.80
CA THR A 79 -12.95 22.15 3.57
C THR A 79 -12.35 22.16 2.15
N LEU A 80 -13.11 22.68 1.19
CA LEU A 80 -12.60 22.84 -0.18
C LEU A 80 -11.34 23.71 -0.21
N LYS A 81 -11.35 24.79 0.58
CA LYS A 81 -10.19 25.67 0.69
C LYS A 81 -8.98 24.98 1.33
N LEU A 82 -9.23 23.97 2.15
CA LEU A 82 -8.15 23.22 2.80
C LEU A 82 -7.51 22.15 1.91
N GLN A 83 -8.14 21.83 0.79
CA GLN A 83 -7.60 20.84 -0.15
C GLN A 83 -6.34 21.33 -0.83
N PRO A 84 -5.25 20.53 -0.82
CA PRO A 84 -4.07 20.95 -1.57
C PRO A 84 -4.32 20.89 -3.08
N LYS A 85 -3.96 21.97 -3.76
CA LYS A 85 -4.31 22.16 -5.16
C LYS A 85 -3.20 21.73 -6.11
N ASP A 86 -1.98 21.61 -5.59
CA ASP A 86 -0.82 21.30 -6.42
C ASP A 86 -0.13 20.00 -6.02
N ARG A 87 0.70 19.52 -6.94
CA ARG A 87 1.52 18.34 -6.72
C ARG A 87 2.48 18.59 -5.55
N GLN A 88 2.68 17.56 -4.72
CA GLN A 88 3.45 17.69 -3.49
C GLN A 88 4.60 16.70 -3.47
N LEU A 89 5.82 17.23 -3.59
CA LEU A 89 7.02 16.40 -3.66
C LEU A 89 7.78 16.32 -2.36
N ASP A 90 7.33 17.05 -1.34
CA ASP A 90 8.00 17.03 -0.03
C ASP A 90 7.36 16.03 0.94
N ALA A 91 8.20 15.42 1.78
CA ALA A 91 7.75 14.54 2.87
C ALA A 91 6.93 15.30 3.90
N TYR A 92 5.96 14.62 4.50
CA TYR A 92 5.13 15.16 5.59
C TYR A 92 4.28 16.36 5.17
N LYS A 93 3.94 16.40 3.89
CA LYS A 93 2.97 17.34 3.36
C LYS A 93 1.93 16.54 2.58
N PRO A 94 0.67 16.97 2.63
CA PRO A 94 -0.39 16.14 2.05
C PRO A 94 -0.39 16.08 0.53
N GLY A 95 -0.90 14.97 0.00
CA GLY A 95 -1.02 14.77 -1.42
C GLY A 95 -2.04 15.69 -2.06
N ARG A 96 -1.80 16.00 -3.34
CA ARG A 96 -2.69 16.82 -4.16
C ARG A 96 -4.11 16.31 -4.12
N GLY A 97 -5.06 17.20 -3.87
CA GLY A 97 -6.48 16.85 -3.94
C GLY A 97 -7.09 16.22 -2.70
N LEU A 98 -6.28 15.89 -1.69
CA LEU A 98 -6.84 15.24 -0.51
C LEU A 98 -7.65 16.20 0.35
N ILE A 99 -8.63 15.63 1.04
CA ILE A 99 -9.43 16.35 2.02
C ILE A 99 -8.89 15.94 3.38
N PRO A 100 -8.69 16.90 4.30
CA PRO A 100 -8.14 16.53 5.61
C PRO A 100 -9.14 15.69 6.42
N ALA A 101 -8.64 14.83 7.29
CA ALA A 101 -9.52 13.98 8.12
C ALA A 101 -10.34 14.84 9.06
N SER A 102 -9.74 15.93 9.52
CA SER A 102 -10.38 16.83 10.44
C SER A 102 -9.80 18.23 10.32
N PHE A 103 -10.53 19.19 10.88
CA PHE A 103 -10.00 20.54 11.01
C PHE A 103 -10.45 21.12 12.34
N LYS A 104 -9.77 22.17 12.77
CA LYS A 104 -10.21 22.90 13.95
C LYS A 104 -10.10 24.41 13.77
N VAL A 105 -10.92 25.12 14.53
CA VAL A 105 -10.88 26.58 14.57
C VAL A 105 -9.84 26.99 15.60
N VAL A 106 -8.82 27.69 15.11
CA VAL A 106 -7.84 28.32 15.99
C VAL A 106 -8.27 29.78 16.17
N SER A 107 -8.80 30.08 17.35
CA SER A 107 -9.23 31.44 17.71
C SER A 107 -8.09 32.18 18.42
N ASP A 108 -6.96 31.51 18.59
CA ASP A 108 -5.82 32.03 19.36
C ASP A 108 -5.17 33.28 18.78
N ASN A 109 -5.07 33.34 17.45
CA ASN A 109 -4.55 34.54 16.78
C ASN A 109 -5.62 35.63 16.75
N GLY A 110 -5.25 36.81 16.29
CA GLY A 110 -6.17 37.96 16.29
C GLY A 110 -7.55 37.62 15.73
N GLU A 111 -7.57 36.92 14.60
CA GLU A 111 -8.84 36.52 13.98
C GLU A 111 -8.84 35.01 13.77
N GLU A 112 -9.96 34.38 14.06
CA GLU A 112 -10.09 32.92 13.93
C GLU A 112 -9.62 32.45 12.56
N TYR A 113 -8.98 31.27 12.53
CA TYR A 113 -8.71 30.61 11.25
C TYR A 113 -8.84 29.10 11.40
N LEU A 114 -9.00 28.42 10.28
CA LEU A 114 -9.09 26.96 10.28
C LEU A 114 -7.74 26.33 10.06
N GLU A 115 -7.50 25.24 10.78
CA GLU A 115 -6.28 24.47 10.65
C GLU A 115 -6.62 23.03 10.29
N ALA A 116 -6.20 22.62 9.10
CA ALA A 116 -6.38 21.26 8.63
C ALA A 116 -5.46 20.29 9.35
N ASP A 117 -5.96 19.08 9.59
CA ASP A 117 -5.13 17.96 10.02
C ASP A 117 -5.18 16.85 8.95
N PHE A 118 -4.09 16.69 8.21
CA PHE A 118 -3.94 15.61 7.22
C PHE A 118 -3.17 14.40 7.77
N GLY A 119 -2.86 14.42 9.06
CA GLY A 119 -2.07 13.38 9.71
C GLY A 119 -0.57 13.66 9.77
N GLU A 120 -0.19 14.93 9.60
CA GLU A 120 1.23 15.29 9.46
C GLU A 120 2.07 15.01 10.70
N HIS A 121 1.43 15.06 11.88
CA HIS A 121 2.09 14.74 13.15
C HIS A 121 1.36 13.63 13.93
N ALA A 122 0.53 12.86 13.22
CA ALA A 122 -0.21 11.74 13.82
C ALA A 122 0.66 10.50 13.96
N ILE A 123 0.15 9.51 14.68
CA ILE A 123 0.87 8.23 14.87
C ILE A 123 0.99 7.43 13.57
N ALA A 124 0.12 7.74 12.61
CA ALA A 124 0.25 7.25 11.24
C ALA A 124 0.23 8.46 10.30
N ARG A 125 1.35 8.68 9.61
CA ARG A 125 1.50 9.84 8.73
C ARG A 125 0.89 9.52 7.37
N VAL A 126 -0.40 9.24 7.40
CA VAL A 126 -1.17 8.77 6.26
C VAL A 126 -2.44 9.58 6.27
N THR A 127 -2.79 10.19 5.15
CA THR A 127 -4.04 10.94 5.08
C THR A 127 -5.14 9.97 4.68
N PRO A 128 -6.17 9.81 5.52
CA PRO A 128 -7.22 8.87 5.17
C PRO A 128 -7.89 9.24 3.85
N VAL A 129 -8.22 8.22 3.08
CA VAL A 129 -8.78 8.42 1.76
C VAL A 129 -10.28 8.66 1.84
N ASP A 130 -10.94 8.10 2.85
CA ASP A 130 -12.41 8.13 2.90
C ASP A 130 -12.96 9.56 2.98
N SER A 131 -12.23 10.43 3.67
CA SER A 131 -12.68 11.81 3.84
C SER A 131 -13.00 12.49 2.51
N CYS A 132 -12.10 12.38 1.53
CA CYS A 132 -12.34 13.04 0.24
C CYS A 132 -13.53 12.43 -0.50
N LEU A 133 -13.75 11.14 -0.32
CA LEU A 133 -14.89 10.48 -0.95
C LEU A 133 -16.20 10.89 -0.29
N TRP A 134 -16.20 10.97 1.05
CA TRP A 134 -17.38 11.49 1.77
C TRP A 134 -17.67 12.94 1.38
N TRP A 135 -16.62 13.74 1.15
CA TRP A 135 -16.80 15.13 0.76
C TRP A 135 -17.59 15.22 -0.55
N ILE A 136 -17.24 14.40 -1.53
CA ILE A 136 -18.00 14.33 -2.78
C ILE A 136 -19.45 13.93 -2.52
N LEU A 137 -19.66 12.93 -1.68
CA LEU A 137 -21.03 12.47 -1.39
C LEU A 137 -21.85 13.53 -0.69
N LEU A 138 -21.21 14.26 0.22
CA LEU A 138 -21.88 15.39 0.89
C LEU A 138 -22.22 16.53 -0.05
N LEU A 139 -21.34 16.80 -1.02
CA LEU A 139 -21.60 17.83 -2.00
C LEU A 139 -22.86 17.48 -2.78
N ARG A 140 -22.94 16.24 -3.25
CA ARG A 140 -24.13 15.79 -3.96
C ARG A 140 -25.36 15.90 -3.06
N ALA A 141 -25.24 15.44 -1.82
CA ALA A 141 -26.36 15.50 -0.87
C ALA A 141 -26.88 16.92 -0.77
N TYR A 142 -25.96 17.87 -0.69
CA TYR A 142 -26.30 19.28 -0.58
C TYR A 142 -27.09 19.80 -1.79
N VAL A 143 -26.60 19.51 -2.99
CA VAL A 143 -27.27 20.00 -4.20
C VAL A 143 -28.59 19.29 -4.46
N VAL A 144 -28.71 18.04 -4.01
CA VAL A 144 -29.99 17.34 -4.05
C VAL A 144 -30.98 17.96 -3.05
N ALA A 145 -30.52 18.14 -1.82
CA ALA A 145 -31.37 18.73 -0.77
C ALA A 145 -31.81 20.15 -1.16
N SER A 146 -30.90 20.88 -1.79
CA SER A 146 -31.15 22.25 -2.22
C SER A 146 -31.93 22.32 -3.53
N LYS A 147 -31.99 21.19 -4.23
CA LYS A 147 -32.62 21.10 -5.55
C LYS A 147 -31.95 22.07 -6.52
N ASP A 148 -30.67 22.35 -6.24
CA ASP A 148 -29.89 23.29 -7.02
C ASP A 148 -28.43 22.84 -7.06
N PHE A 149 -27.90 22.66 -8.28
CA PHE A 149 -26.51 22.23 -8.48
C PHE A 149 -25.53 23.39 -8.55
N SER A 150 -26.04 24.61 -8.41
CA SER A 150 -25.22 25.82 -8.49
C SER A 150 -23.89 25.71 -7.78
N LEU A 151 -23.92 25.31 -6.51
CA LEU A 151 -22.69 25.25 -5.71
C LEU A 151 -21.65 24.32 -6.34
N ALA A 152 -22.09 23.14 -6.76
CA ALA A 152 -21.20 22.15 -7.38
C ALA A 152 -20.69 22.61 -8.76
N TYR A 153 -21.49 23.40 -9.48
CA TYR A 153 -21.11 23.90 -10.79
C TYR A 153 -20.13 25.07 -10.75
N GLN A 154 -19.91 25.66 -9.58
CA GLN A 154 -18.88 26.69 -9.44
C GLN A 154 -17.50 26.11 -9.79
N PRO A 155 -16.68 26.88 -10.51
CA PRO A 155 -15.37 26.39 -10.99
C PRO A 155 -14.50 25.77 -9.90
N GLU A 156 -14.43 26.42 -8.73
CA GLU A 156 -13.62 25.88 -7.63
C GLU A 156 -14.11 24.50 -7.15
N PHE A 157 -15.42 24.26 -7.19
CA PHE A 157 -15.97 22.95 -6.82
C PHE A 157 -15.76 21.90 -7.91
N GLN A 158 -15.85 22.34 -9.17
CA GLN A 158 -15.52 21.48 -10.31
C GLN A 158 -14.07 21.03 -10.22
N THR A 159 -13.20 21.97 -9.85
CA THR A 159 -11.79 21.66 -9.64
C THR A 159 -11.60 20.71 -8.47
N GLY A 160 -12.31 20.98 -7.37
CA GLY A 160 -12.22 20.15 -6.19
C GLY A 160 -12.55 18.70 -6.48
N ILE A 161 -13.66 18.48 -7.18
CA ILE A 161 -14.11 17.13 -7.56
C ILE A 161 -13.09 16.48 -8.48
N ARG A 162 -12.66 17.23 -9.48
CA ARG A 162 -11.68 16.73 -10.45
C ARG A 162 -10.40 16.24 -9.78
N LEU A 163 -9.86 17.03 -8.85
CA LEU A 163 -8.62 16.65 -8.17
C LEU A 163 -8.77 15.35 -7.42
N ILE A 164 -9.87 15.21 -6.69
CA ILE A 164 -10.14 13.98 -5.93
C ILE A 164 -10.22 12.80 -6.88
N MSE A 165 -10.96 12.96 -7.97
CA MSE A 165 -11.10 11.89 -8.95
C MSE A 165 -9.77 11.57 -9.57
O MSE A 165 -9.46 10.41 -9.79
CB MSE A 165 -12.18 12.22 -9.98
CG MSE A 165 -13.55 12.21 -9.31
SE MSE A 165 -14.11 10.35 -8.94
CE MSE A 165 -13.88 10.20 -7.00
N GLU A 166 -8.96 12.58 -9.83
CA GLU A 166 -7.64 12.37 -10.44
C GLU A 166 -6.73 11.51 -9.57
N ILE A 167 -6.65 11.84 -8.28
CA ILE A 167 -5.76 11.12 -7.37
C ILE A 167 -6.25 9.69 -7.12
N CYS A 168 -7.56 9.47 -7.14
CA CYS A 168 -8.10 8.12 -6.97
C CYS A 168 -8.00 7.27 -8.25
N LEU A 169 -8.25 7.89 -9.40
CA LEU A 169 -8.23 7.14 -10.65
C LEU A 169 -6.82 6.79 -11.09
N ALA A 170 -5.89 7.73 -10.90
CA ALA A 170 -4.57 7.62 -11.50
C ALA A 170 -3.84 6.39 -10.98
N ASN A 171 -3.41 5.55 -11.91
CA ASN A 171 -2.60 4.38 -11.57
C ASN A 171 -1.19 4.82 -11.20
N ARG A 172 -0.69 4.33 -10.08
CA ARG A 172 0.71 4.51 -9.77
C ARG A 172 1.45 3.20 -10.12
N PHE A 173 1.45 2.23 -9.22
CA PHE A 173 2.11 0.93 -9.44
C PHE A 173 1.08 -0.18 -9.66
N ASP A 174 -0.03 -0.06 -8.95
CA ASP A 174 -1.14 -1.01 -9.00
C ASP A 174 -2.08 -0.59 -10.14
N MSE A 175 -2.49 -1.54 -10.97
CA MSE A 175 -3.31 -1.23 -12.15
C MSE A 175 -4.72 -1.78 -12.11
O MSE A 175 -5.43 -1.74 -13.12
CB MSE A 175 -2.63 -1.79 -13.41
CG MSE A 175 -1.22 -1.22 -13.59
SE MSE A 175 -0.46 -1.95 -15.25
CE MSE A 175 0.28 -3.59 -14.45
N TYR A 176 -5.14 -2.29 -10.96
CA TYR A 176 -6.52 -2.77 -10.83
C TYR A 176 -7.47 -1.55 -10.82
N PRO A 177 -8.75 -1.77 -11.20
CA PRO A 177 -9.73 -0.68 -11.19
C PRO A 177 -10.03 -0.16 -9.77
N THR A 178 -9.72 -0.99 -8.79
CA THR A 178 -9.81 -0.64 -7.38
C THR A 178 -8.73 0.38 -6.99
N LEU A 179 -8.91 0.97 -5.81
CA LEU A 179 -8.00 1.97 -5.29
C LEU A 179 -7.02 1.33 -4.32
N LEU A 180 -5.73 1.44 -4.61
CA LEU A 180 -4.69 0.87 -3.77
C LEU A 180 -4.34 1.84 -2.67
N VAL A 181 -4.34 1.37 -1.42
CA VAL A 181 -4.07 2.24 -0.28
C VAL A 181 -3.20 1.58 0.79
N PRO A 182 -2.55 2.40 1.62
CA PRO A 182 -1.87 1.87 2.81
C PRO A 182 -2.89 1.41 3.85
N ASP A 183 -2.41 0.75 4.90
CA ASP A 183 -3.28 0.35 6.00
C ASP A 183 -3.78 1.59 6.73
N GLY A 184 -4.89 1.44 7.44
CA GLY A 184 -5.46 2.51 8.27
C GLY A 184 -5.89 3.75 7.52
N ALA A 185 -6.46 3.57 6.33
CA ALA A 185 -6.72 4.71 5.45
C ALA A 185 -8.20 5.08 5.33
N CYS A 186 -9.02 4.64 6.28
CA CYS A 186 -10.43 5.01 6.27
C CYS A 186 -10.95 5.18 7.69
N MSE A 187 -12.24 4.93 7.91
CA MSE A 187 -12.83 4.97 9.25
C MSE A 187 -11.99 4.19 10.23
O MSE A 187 -11.81 4.60 11.39
CB MSE A 187 -14.21 4.36 9.23
CG MSE A 187 -14.84 4.44 10.60
SE MSE A 187 -16.69 3.80 10.52
CE MSE A 187 -16.84 3.61 12.47
N ILE A 188 -11.53 3.03 9.79
CA ILE A 188 -10.52 2.28 10.53
C ILE A 188 -9.22 2.96 10.18
N ASP A 189 -8.76 3.82 11.08
CA ASP A 189 -7.55 4.60 10.81
C ASP A 189 -6.35 4.11 11.61
N ARG A 190 -6.37 2.83 11.98
CA ARG A 190 -5.22 2.18 12.60
C ARG A 190 -4.92 0.89 11.83
N ARG A 191 -3.82 0.24 12.18
CA ARG A 191 -3.39 -0.94 11.44
C ARG A 191 -4.29 -2.15 11.70
N LEU A 192 -5.10 -2.53 10.71
CA LEU A 192 -6.01 -3.67 10.84
C LEU A 192 -6.00 -4.61 9.62
N GLY A 193 -4.89 -4.61 8.88
CA GLY A 193 -4.76 -5.44 7.69
C GLY A 193 -5.70 -5.00 6.58
N ILE A 194 -5.98 -3.70 6.50
CA ILE A 194 -6.85 -3.16 5.45
C ILE A 194 -6.07 -2.36 4.41
N TYR A 195 -4.79 -2.69 4.26
CA TYR A 195 -3.98 -2.16 3.18
C TYR A 195 -4.43 -2.89 1.91
N GLY A 196 -4.02 -2.38 0.75
CA GLY A 196 -4.36 -3.04 -0.51
C GLY A 196 -5.63 -2.45 -1.10
N HIS A 197 -6.66 -3.29 -1.24
CA HIS A 197 -7.95 -2.87 -1.82
C HIS A 197 -9.11 -3.13 -0.87
N PRO A 198 -9.07 -2.51 0.33
CA PRO A 198 -10.14 -2.74 1.29
C PRO A 198 -11.50 -2.32 0.75
N LEU A 199 -12.51 -3.12 1.06
CA LEU A 199 -13.87 -2.90 0.59
C LEU A 199 -14.40 -1.50 0.86
N GLU A 200 -14.21 -0.99 2.08
CA GLU A 200 -14.79 0.31 2.45
C GLU A 200 -14.46 1.37 1.42
N LEU A 201 -13.18 1.43 1.07
CA LEU A 201 -12.71 2.46 0.17
C LEU A 201 -13.16 2.20 -1.25
N GLN A 202 -13.26 0.93 -1.65
CA GLN A 202 -13.74 0.61 -3.01
C GLN A 202 -15.19 1.01 -3.19
N VAL A 203 -15.99 0.81 -2.13
CA VAL A 203 -17.42 1.11 -2.19
C VAL A 203 -17.61 2.62 -2.19
N LEU A 204 -16.88 3.31 -1.33
CA LEU A 204 -16.97 4.77 -1.28
C LEU A 204 -16.44 5.39 -2.57
N PHE A 205 -15.40 4.78 -3.13
CA PHE A 205 -14.85 5.23 -4.41
C PHE A 205 -15.90 5.09 -5.51
N TYR A 206 -16.57 3.95 -5.52
CA TYR A 206 -17.64 3.70 -6.47
C TYR A 206 -18.74 4.73 -6.30
N ALA A 207 -19.20 4.90 -5.06
CA ALA A 207 -20.25 5.87 -4.77
C ALA A 207 -19.83 7.29 -5.16
N ALA A 208 -18.58 7.67 -4.87
CA ALA A 208 -18.07 8.98 -5.26
C ALA A 208 -17.95 9.14 -6.77
N LEU A 209 -17.59 8.07 -7.49
CA LEU A 209 -17.56 8.10 -8.95
C LEU A 209 -18.93 8.43 -9.53
N ARG A 210 -19.97 7.79 -9.01
CA ARG A 210 -21.34 8.05 -9.47
C ARG A 210 -21.69 9.51 -9.27
N ALA A 211 -21.37 10.02 -8.08
CA ALA A 211 -21.75 11.38 -7.73
C ALA A 211 -20.97 12.39 -8.57
N ALA A 212 -19.69 12.12 -8.82
CA ALA A 212 -18.85 12.99 -9.65
C ALA A 212 -19.33 13.03 -11.09
N ARG A 213 -19.75 11.89 -11.63
CA ARG A 213 -20.29 11.84 -13.00
C ARG A 213 -21.51 12.74 -13.11
N GLU A 214 -22.37 12.69 -12.10
CA GLU A 214 -23.58 13.50 -12.03
C GLU A 214 -23.34 15.02 -11.88
N MSE A 215 -22.17 15.42 -11.40
CA MSE A 215 -21.91 16.84 -11.07
C MSE A 215 -20.85 17.54 -11.88
O MSE A 215 -20.73 18.77 -11.82
CB MSE A 215 -21.48 16.95 -9.61
CG MSE A 215 -22.62 16.58 -8.66
SE MSE A 215 -22.13 16.97 -6.79
CE MSE A 215 -20.64 15.70 -6.58
N LEU A 216 -20.04 16.77 -12.61
CA LEU A 216 -18.95 17.34 -13.40
C LEU A 216 -19.44 17.72 -14.78
N ILE A 217 -19.15 18.93 -15.21
CA ILE A 217 -19.49 19.39 -16.55
C ILE A 217 -18.42 18.84 -17.49
N CYS A 218 -18.84 18.17 -18.56
CA CYS A 218 -17.89 17.52 -19.48
C CYS A 218 -16.91 18.50 -20.12
N GLN A 219 -17.41 19.67 -20.50
CA GLN A 219 -16.57 20.69 -21.13
C GLN A 219 -15.52 21.23 -20.15
N GLY A 220 -14.25 21.11 -20.54
CA GLY A 220 -13.12 21.50 -19.69
C GLY A 220 -12.62 20.42 -18.73
N ASN A 221 -13.33 19.29 -18.68
CA ASN A 221 -12.97 18.16 -17.80
C ASN A 221 -12.97 16.83 -18.54
N GLN A 222 -12.69 16.92 -19.84
CA GLN A 222 -12.92 15.82 -20.78
C GLN A 222 -12.22 14.51 -20.37
N ASP A 223 -10.93 14.59 -20.10
CA ASP A 223 -10.12 13.42 -19.74
C ASP A 223 -10.65 12.71 -18.48
N VAL A 224 -10.94 13.49 -17.44
CA VAL A 224 -11.38 12.91 -16.18
C VAL A 224 -12.80 12.38 -16.29
N VAL A 225 -13.70 13.13 -16.96
CA VAL A 225 -15.08 12.67 -17.13
C VAL A 225 -15.15 11.35 -17.89
N GLU A 226 -14.33 11.22 -18.94
CA GLU A 226 -14.27 9.97 -19.70
C GLU A 226 -13.70 8.86 -18.85
N ALA A 227 -12.69 9.16 -18.06
CA ALA A 227 -12.06 8.17 -17.20
C ALA A 227 -13.05 7.70 -16.13
N ILE A 228 -13.86 8.62 -15.61
CA ILE A 228 -14.92 8.26 -14.67
C ILE A 228 -15.92 7.30 -15.32
N ASP A 229 -16.39 7.67 -16.52
CA ASP A 229 -17.34 6.84 -17.27
C ASP A 229 -16.79 5.46 -17.58
N ASN A 230 -15.51 5.36 -17.89
CA ASN A 230 -14.86 4.07 -18.12
C ASN A 230 -14.68 3.26 -16.84
N ARG A 231 -14.28 3.91 -15.75
CA ARG A 231 -14.02 3.19 -14.50
C ARG A 231 -15.27 2.59 -13.90
N LEU A 232 -16.35 3.34 -13.95
CA LEU A 232 -17.59 2.96 -13.27
C LEU A 232 -18.06 1.51 -13.50
N PRO A 233 -18.33 1.13 -14.76
CA PRO A 233 -18.84 -0.22 -14.98
C PRO A 233 -17.80 -1.30 -14.75
N LEU A 234 -16.53 -0.93 -14.96
CA LEU A 234 -15.42 -1.85 -14.74
C LEU A 234 -15.27 -2.14 -13.25
N LEU A 235 -15.35 -1.10 -12.44
CA LEU A 235 -15.26 -1.26 -10.98
C LEU A 235 -16.48 -1.99 -10.44
N CYS A 236 -17.65 -1.64 -10.97
CA CYS A 236 -18.89 -2.34 -10.62
C CYS A 236 -18.77 -3.85 -10.85
N ALA A 237 -18.32 -4.24 -12.05
CA ALA A 237 -18.20 -5.65 -12.42
C ALA A 237 -17.11 -6.35 -11.61
N HIS A 238 -16.03 -5.63 -11.37
CA HIS A 238 -14.89 -6.16 -10.62
C HIS A 238 -15.29 -6.55 -9.20
N ILE A 239 -16.00 -5.64 -8.53
CA ILE A 239 -16.44 -5.87 -7.15
C ILE A 239 -17.50 -6.97 -7.10
N ARG A 240 -18.47 -6.90 -8.00
CA ARG A 240 -19.53 -7.89 -8.06
C ARG A 240 -19.00 -9.30 -8.28
N GLN A 241 -17.93 -9.42 -9.07
CA GLN A 241 -17.39 -10.73 -9.38
C GLN A 241 -16.38 -11.20 -8.35
N HIS A 242 -15.38 -10.38 -8.07
CA HIS A 242 -14.23 -10.83 -7.30
C HIS A 242 -14.36 -10.66 -5.78
N TYR A 243 -15.24 -9.76 -5.32
CA TYR A 243 -15.44 -9.57 -3.88
C TYR A 243 -16.57 -10.41 -3.31
N TRP A 244 -17.44 -10.93 -4.17
CA TRP A 244 -18.65 -11.62 -3.68
C TRP A 244 -18.30 -12.95 -3.04
N ILE A 245 -18.76 -13.16 -1.82
CA ILE A 245 -18.59 -14.41 -1.09
C ILE A 245 -19.95 -15.01 -0.81
N ASP A 246 -20.15 -16.24 -1.26
CA ASP A 246 -21.29 -17.05 -0.85
C ASP A 246 -20.86 -18.51 -0.97
N ILE A 247 -21.75 -19.43 -0.63
CA ILE A 247 -21.43 -20.87 -0.67
C ILE A 247 -20.88 -21.28 -2.03
N ASN A 248 -21.59 -20.87 -3.09
CA ASN A 248 -21.19 -21.22 -4.46
C ASN A 248 -19.80 -20.72 -4.77
N ARG A 249 -19.50 -19.48 -4.42
CA ARG A 249 -18.15 -18.92 -4.64
C ARG A 249 -17.07 -19.67 -3.88
N LEU A 250 -17.31 -19.99 -2.61
CA LEU A 250 -16.34 -20.74 -1.82
C LEU A 250 -16.02 -22.08 -2.46
N ASN A 251 -17.04 -22.75 -2.98
CA ASN A 251 -16.84 -24.02 -3.67
C ASN A 251 -16.02 -23.86 -4.95
N ALA A 252 -16.26 -22.77 -5.68
CA ALA A 252 -15.47 -22.44 -6.86
C ALA A 252 -13.99 -22.18 -6.50
N ILE A 253 -13.75 -21.47 -5.40
CA ILE A 253 -12.37 -21.25 -4.92
C ILE A 253 -11.74 -22.60 -4.58
N TYR A 254 -12.48 -23.40 -3.82
CA TYR A 254 -12.04 -24.75 -3.46
C TYR A 254 -11.62 -25.58 -4.67
N ARG A 255 -12.36 -25.44 -5.77
CA ARG A 255 -12.14 -26.20 -7.01
C ARG A 255 -11.28 -25.53 -8.08
N PHE A 256 -10.67 -24.38 -7.78
CA PHE A 256 -9.91 -23.64 -8.81
C PHE A 256 -8.93 -24.54 -9.58
N VAL A 266 -6.89 -17.90 -16.80
CA VAL A 266 -8.11 -18.29 -16.10
C VAL A 266 -8.62 -17.14 -15.25
N ASN A 267 -8.53 -17.27 -13.92
CA ASN A 267 -9.09 -16.31 -12.99
C ASN A 267 -8.18 -15.11 -12.90
N LEU A 268 -8.73 -13.99 -12.45
CA LEU A 268 -7.97 -12.76 -12.33
C LEU A 268 -7.04 -12.86 -11.14
N PHE A 269 -7.57 -13.36 -10.03
CA PHE A 269 -6.78 -13.52 -8.82
C PHE A 269 -6.54 -14.99 -8.52
N ASN A 270 -5.28 -15.30 -8.23
CA ASN A 270 -4.92 -16.58 -7.68
C ASN A 270 -5.19 -16.51 -6.19
N ILE A 271 -6.24 -17.19 -5.76
CA ILE A 271 -6.60 -17.30 -4.35
C ILE A 271 -6.48 -18.76 -3.95
N TYR A 272 -5.65 -19.04 -2.96
CA TYR A 272 -5.46 -20.42 -2.50
C TYR A 272 -6.36 -20.72 -1.33
N VAL A 273 -7.16 -21.78 -1.48
CA VAL A 273 -8.22 -22.09 -0.53
C VAL A 273 -7.73 -22.32 0.91
N ASP A 274 -6.50 -22.80 1.06
CA ASP A 274 -5.93 -23.05 2.40
C ASP A 274 -5.76 -21.76 3.22
N SER A 275 -5.74 -20.62 2.53
CA SER A 275 -5.57 -19.31 3.17
C SER A 275 -6.82 -18.76 3.87
N ILE A 276 -7.97 -19.41 3.65
CA ILE A 276 -9.24 -18.91 4.17
C ILE A 276 -9.97 -19.96 4.99
N PRO A 277 -10.81 -19.53 5.95
CA PRO A 277 -11.45 -20.52 6.80
C PRO A 277 -12.72 -21.07 6.15
N TYR A 278 -12.54 -21.91 5.14
CA TYR A 278 -13.66 -22.28 4.27
C TYR A 278 -14.74 -23.19 4.85
N TYR A 279 -14.37 -24.12 5.74
CA TYR A 279 -15.40 -24.95 6.39
C TYR A 279 -16.19 -24.12 7.41
N GLU A 280 -15.50 -23.17 8.04
CA GLU A 280 -16.12 -22.28 9.01
C GLU A 280 -17.10 -21.31 8.32
N LEU A 281 -16.69 -20.79 7.16
CA LEU A 281 -17.54 -19.86 6.38
C LEU A 281 -18.81 -20.55 5.89
N ASP A 282 -18.65 -21.77 5.37
CA ASP A 282 -19.79 -22.58 4.92
C ASP A 282 -20.84 -22.78 6.02
N LYS A 283 -20.36 -22.95 7.25
CA LYS A 283 -21.22 -23.08 8.41
C LYS A 283 -21.89 -21.74 8.78
N TRP A 284 -21.12 -20.67 8.75
CA TRP A 284 -21.62 -19.35 9.11
C TRP A 284 -22.63 -18.78 8.11
N LEU A 285 -22.36 -18.97 6.82
CA LEU A 285 -23.26 -18.43 5.78
C LEU A 285 -24.59 -19.16 5.71
N PRO A 286 -25.72 -18.41 5.71
CA PRO A 286 -26.97 -19.11 5.43
C PRO A 286 -27.02 -19.48 3.94
N LYS A 287 -27.96 -20.35 3.57
CA LYS A 287 -28.04 -20.81 2.19
C LYS A 287 -28.24 -19.68 1.18
N LYS A 288 -29.08 -18.72 1.52
CA LYS A 288 -29.36 -17.60 0.62
C LYS A 288 -28.61 -16.34 1.06
N GLY A 289 -27.54 -16.53 1.82
CA GLY A 289 -26.76 -15.40 2.32
C GLY A 289 -25.45 -15.23 1.58
N GLY A 290 -24.84 -14.06 1.74
CA GLY A 290 -23.55 -13.80 1.14
C GLY A 290 -23.17 -12.38 1.48
N TYR A 291 -21.98 -11.98 1.10
CA TYR A 291 -21.51 -10.65 1.42
C TYR A 291 -20.30 -10.34 0.57
N LEU A 292 -19.93 -9.07 0.53
CA LEU A 292 -18.73 -8.64 -0.16
C LEU A 292 -17.54 -8.73 0.77
N ALA A 293 -16.46 -9.33 0.27
CA ALA A 293 -15.23 -9.56 1.01
C ALA A 293 -14.59 -8.27 1.47
N GLY A 294 -13.82 -8.36 2.55
CA GLY A 294 -13.14 -7.20 3.11
C GLY A 294 -12.02 -6.68 2.25
N ASN A 295 -11.35 -7.58 1.54
CA ASN A 295 -10.22 -7.22 0.70
C ASN A 295 -9.95 -8.29 -0.33
N VAL A 296 -9.47 -7.86 -1.50
CA VAL A 296 -9.10 -8.78 -2.56
C VAL A 296 -7.84 -8.28 -3.23
N GLY A 297 -6.91 -9.20 -3.46
CA GLY A 297 -5.67 -8.85 -4.14
C GLY A 297 -4.95 -10.12 -4.55
N PRO A 298 -3.79 -9.98 -5.21
CA PRO A 298 -3.04 -11.16 -5.60
C PRO A 298 -2.79 -12.04 -4.37
N SER A 299 -3.21 -13.32 -4.43
CA SER A 299 -3.05 -14.24 -3.31
C SER A 299 -3.61 -13.70 -2.00
N GLN A 300 -4.68 -12.93 -2.08
CA GLN A 300 -5.25 -12.29 -0.90
C GLN A 300 -6.76 -12.19 -0.99
N LEU A 301 -7.45 -12.96 -0.16
CA LEU A 301 -8.90 -12.78 0.02
C LEU A 301 -9.19 -12.64 1.51
N ASP A 302 -9.59 -11.44 1.92
CA ASP A 302 -9.97 -11.15 3.31
C ASP A 302 -11.45 -11.46 3.48
N THR A 303 -11.76 -12.56 4.16
CA THR A 303 -13.15 -13.01 4.29
C THR A 303 -13.90 -12.37 5.47
N ARG A 304 -13.27 -11.45 6.17
CA ARG A 304 -13.99 -10.70 7.20
C ARG A 304 -15.14 -9.93 6.55
N PHE A 305 -16.26 -9.86 7.26
CA PHE A 305 -17.39 -9.01 6.89
C PHE A 305 -17.17 -7.61 7.44
N PHE A 306 -17.16 -6.61 6.55
CA PHE A 306 -17.05 -5.20 6.96
C PHE A 306 -18.39 -4.52 6.72
N ALA A 307 -18.94 -3.92 7.78
CA ALA A 307 -20.33 -3.43 7.74
C ALA A 307 -20.49 -2.22 6.85
N LEU A 308 -19.64 -1.22 7.02
CA LEU A 308 -19.77 0.01 6.22
C LEU A 308 -19.76 -0.31 4.73
N GLY A 309 -18.76 -1.09 4.33
CA GLY A 309 -18.58 -1.45 2.93
C GLY A 309 -19.79 -2.17 2.38
N ASN A 310 -20.29 -3.17 3.09
CA ASN A 310 -21.42 -3.95 2.60
C ASN A 310 -22.72 -3.16 2.56
N LEU A 311 -22.94 -2.31 3.56
CA LEU A 311 -24.17 -1.51 3.61
C LEU A 311 -24.15 -0.41 2.56
N MSE A 312 -23.01 0.24 2.38
CA MSE A 312 -22.90 1.29 1.36
C MSE A 312 -22.98 0.70 -0.02
O MSE A 312 -23.41 1.37 -0.97
CB MSE A 312 -21.64 2.14 1.51
CG MSE A 312 -21.80 3.17 2.63
SE MSE A 312 -23.15 4.55 2.19
CE MSE A 312 -22.33 5.36 0.61
N ALA A 313 -22.57 -0.57 -0.19
CA ALA A 313 -22.69 -1.23 -1.49
C ALA A 313 -24.16 -1.44 -1.90
N ILE A 314 -25.02 -1.75 -0.94
CA ILE A 314 -26.46 -1.83 -1.19
C ILE A 314 -27.02 -0.45 -1.53
N ILE A 315 -26.70 0.53 -0.68
CA ILE A 315 -27.19 1.89 -0.83
C ILE A 315 -26.81 2.51 -2.17
N SER A 316 -25.60 2.23 -2.64
CA SER A 316 -25.08 2.82 -3.87
C SER A 316 -25.38 1.99 -5.13
N ASP A 317 -26.19 0.94 -4.98
CA ASP A 317 -26.47 -0.04 -6.05
C ASP A 317 -25.21 -0.70 -6.63
N LEU A 318 -24.12 -0.67 -5.89
CA LEU A 318 -22.92 -1.42 -6.28
C LEU A 318 -23.22 -2.91 -6.23
N ALA A 319 -23.75 -3.40 -5.10
CA ALA A 319 -24.26 -4.77 -5.04
C ALA A 319 -25.50 -4.91 -5.92
N THR A 320 -25.64 -6.06 -6.58
CA THR A 320 -26.85 -6.33 -7.36
C THR A 320 -28.03 -6.48 -6.41
N GLU A 321 -29.22 -6.54 -6.98
CA GLU A 321 -30.43 -6.78 -6.19
C GLU A 321 -30.32 -8.08 -5.41
N GLU A 322 -29.97 -9.16 -6.10
CA GLU A 322 -29.80 -10.46 -5.45
C GLU A 322 -28.72 -10.41 -4.34
N GLN A 323 -27.60 -9.74 -4.61
CA GLN A 323 -26.55 -9.62 -3.59
C GLN A 323 -27.04 -8.82 -2.38
N SER A 324 -27.81 -7.77 -2.65
CA SER A 324 -28.37 -6.94 -1.59
C SER A 324 -29.27 -7.75 -0.68
N GLN A 325 -30.16 -8.55 -1.26
CA GLN A 325 -31.03 -9.42 -0.46
C GLN A 325 -30.21 -10.47 0.31
N ALA A 326 -29.13 -10.94 -0.30
CA ALA A 326 -28.27 -11.94 0.33
C ALA A 326 -27.49 -11.37 1.52
N ILE A 327 -27.06 -10.12 1.40
CA ILE A 327 -26.42 -9.43 2.53
C ILE A 327 -27.42 -9.26 3.66
N MSE A 328 -28.64 -8.85 3.32
CA MSE A 328 -29.71 -8.68 4.30
C MSE A 328 -30.07 -9.99 4.92
O MSE A 328 -30.33 -10.05 6.13
CB MSE A 328 -30.99 -8.09 3.71
CG MSE A 328 -30.85 -6.63 3.28
SE MSE A 328 -30.56 -5.45 4.83
CE MSE A 328 -28.70 -4.96 4.48
N THR A 329 -30.11 -11.05 4.13
CA THR A 329 -30.39 -12.39 4.67
C THR A 329 -29.32 -12.79 5.70
N LEU A 330 -28.06 -12.51 5.39
CA LEU A 330 -26.96 -12.76 6.32
C LEU A 330 -27.13 -11.99 7.63
N ILE A 331 -27.44 -10.69 7.54
CA ILE A 331 -27.61 -9.86 8.74
C ILE A 331 -28.71 -10.40 9.65
N GLU A 332 -29.86 -10.73 9.06
CA GLU A 332 -30.97 -11.33 9.79
C GLU A 332 -30.58 -12.62 10.47
N ASP A 333 -29.99 -13.53 9.69
CA ASP A 333 -29.71 -14.88 10.17
C ASP A 333 -28.54 -14.94 11.15
N ARG A 334 -27.57 -14.05 11.01
CA ARG A 334 -26.45 -14.00 11.95
C ARG A 334 -26.48 -12.71 12.75
N TRP A 335 -27.70 -12.30 13.08
CA TRP A 335 -27.98 -11.13 13.88
C TRP A 335 -27.14 -11.11 15.16
N GLU A 336 -27.06 -12.26 15.84
CA GLU A 336 -26.33 -12.32 17.10
C GLU A 336 -24.86 -11.98 16.91
N ASP A 337 -24.29 -12.42 15.80
CA ASP A 337 -22.90 -12.11 15.48
C ASP A 337 -22.67 -10.68 15.01
N LEU A 338 -23.53 -10.20 14.10
CA LEU A 338 -23.29 -8.91 13.45
C LEU A 338 -23.85 -7.69 14.20
N VAL A 339 -24.93 -7.89 14.96
CA VAL A 339 -25.60 -6.81 15.71
C VAL A 339 -25.49 -7.01 17.21
N GLY A 340 -25.84 -8.21 17.67
CA GLY A 340 -25.85 -8.54 19.09
C GLY A 340 -26.69 -7.56 19.90
N ASP A 341 -26.09 -7.02 20.95
CA ASP A 341 -26.79 -6.06 21.81
C ASP A 341 -26.53 -4.59 21.44
N MSE A 342 -25.75 -4.35 20.39
CA MSE A 342 -25.54 -2.97 19.95
C MSE A 342 -25.24 -2.96 18.47
O MSE A 342 -24.15 -3.34 18.05
CB MSE A 342 -24.38 -2.33 20.70
CG MSE A 342 -24.08 -0.91 20.22
SE MSE A 342 -25.66 0.28 20.18
CE MSE A 342 -25.92 0.48 22.12
N PRO A 343 -26.21 -2.50 17.66
CA PRO A 343 -25.88 -2.40 16.25
C PRO A 343 -24.78 -1.37 16.02
N MSE A 344 -23.74 -1.72 15.28
CA MSE A 344 -23.52 -3.08 14.78
C MSE A 344 -22.04 -3.23 14.67
O MSE A 344 -21.32 -2.23 14.76
CB MSE A 344 -24.27 -3.27 13.47
CG MSE A 344 -23.52 -2.73 12.27
SE MSE A 344 -24.59 -3.09 10.68
CE MSE A 344 -23.95 -4.91 10.33
N LYS A 345 -21.56 -4.45 14.49
CA LYS A 345 -20.12 -4.68 14.41
C LYS A 345 -19.51 -3.99 13.21
N ILE A 346 -18.41 -3.29 13.43
CA ILE A 346 -17.66 -2.65 12.34
C ILE A 346 -17.10 -3.68 11.36
N CYS A 347 -16.66 -4.81 11.90
CA CYS A 347 -16.32 -5.95 11.08
C CYS A 347 -16.52 -7.20 11.93
N TYR A 348 -16.45 -8.35 11.28
CA TYR A 348 -16.64 -9.61 11.96
C TYR A 348 -15.96 -10.72 11.16
N PRO A 349 -15.25 -11.65 11.83
CA PRO A 349 -15.01 -11.68 13.27
C PRO A 349 -13.77 -10.88 13.63
N ALA A 350 -13.45 -10.87 14.91
CA ALA A 350 -12.24 -10.25 15.42
C ALA A 350 -11.02 -11.02 14.94
N LEU A 351 -9.94 -10.29 14.69
CA LEU A 351 -8.60 -10.85 14.57
C LEU A 351 -8.17 -11.27 15.97
N GLU A 352 -7.78 -12.54 16.13
CA GLU A 352 -7.35 -13.07 17.42
C GLU A 352 -6.05 -13.85 17.29
N ASN A 353 -5.42 -14.10 18.44
CA ASN A 353 -4.22 -14.93 18.51
C ASN A 353 -3.10 -14.41 17.63
N GLU A 354 -2.45 -15.30 16.87
CA GLU A 354 -1.35 -14.93 16.00
C GLU A 354 -1.82 -13.93 14.94
N GLU A 355 -3.01 -14.15 14.41
CA GLU A 355 -3.55 -13.23 13.42
C GLU A 355 -3.61 -11.80 13.97
N TYR A 356 -4.11 -11.64 15.20
CA TYR A 356 -4.13 -10.33 15.86
C TYR A 356 -2.71 -9.74 15.97
N ARG A 357 -1.75 -10.56 16.38
CA ARG A 357 -0.38 -10.05 16.61
C ARG A 357 0.31 -9.66 15.29
N ILE A 358 0.20 -10.52 14.29
CA ILE A 358 0.77 -10.28 12.97
C ILE A 358 0.12 -9.09 12.25
N VAL A 359 -1.21 -9.09 12.19
CA VAL A 359 -1.95 -8.10 11.40
C VAL A 359 -1.98 -6.71 12.03
N THR A 360 -2.16 -6.61 13.34
CA THR A 360 -2.27 -5.31 14.00
C THR A 360 -0.94 -4.77 14.55
N GLY A 361 0.09 -5.62 14.58
CA GLY A 361 1.33 -5.31 15.27
C GLY A 361 1.17 -5.21 16.78
N CYS A 362 0.25 -6.00 17.33
CA CYS A 362 -0.07 -5.98 18.77
C CYS A 362 -0.52 -4.60 19.26
N ASP A 363 -1.44 -4.00 18.50
CA ASP A 363 -2.04 -2.71 18.84
C ASP A 363 -2.99 -2.93 20.03
N PRO A 364 -2.68 -2.33 21.20
CA PRO A 364 -3.49 -2.62 22.40
C PRO A 364 -4.90 -2.06 22.35
N LYS A 365 -5.11 -1.02 21.56
CA LYS A 365 -6.44 -0.42 21.41
C LYS A 365 -7.37 -1.37 20.67
N ASN A 366 -6.83 -2.05 19.66
CA ASN A 366 -7.63 -2.95 18.83
C ASN A 366 -7.54 -4.43 19.22
N ILE A 367 -7.74 -4.70 20.50
CA ILE A 367 -7.76 -6.08 21.00
C ILE A 367 -9.03 -6.75 20.49
N PRO A 368 -9.07 -8.11 20.51
CA PRO A 368 -10.27 -8.70 19.93
C PRO A 368 -11.59 -8.20 20.51
N TRP A 369 -12.54 -7.93 19.63
CA TRP A 369 -13.89 -7.48 19.99
C TRP A 369 -13.90 -6.09 20.59
N SER A 370 -12.90 -5.29 20.25
CA SER A 370 -12.81 -3.94 20.76
C SER A 370 -12.47 -2.94 19.66
N TYR A 371 -13.14 -1.80 19.70
CA TYR A 371 -12.82 -0.68 18.83
C TYR A 371 -12.90 -1.11 17.36
N HIS A 372 -11.82 -0.94 16.58
CA HIS A 372 -11.85 -1.32 15.17
C HIS A 372 -11.87 -2.83 14.96
N ASN A 373 -11.37 -3.57 15.95
CA ASN A 373 -11.25 -5.01 15.81
C ASN A 373 -12.54 -5.71 16.24
N ALA A 374 -13.58 -5.50 15.43
CA ALA A 374 -14.90 -6.06 15.69
C ALA A 374 -15.60 -5.50 16.93
N GLY A 375 -15.30 -4.26 17.29
CA GLY A 375 -16.14 -3.50 18.20
C GLY A 375 -17.46 -3.13 17.53
N SER A 376 -18.38 -2.64 18.33
CA SER A 376 -19.72 -2.28 17.88
C SER A 376 -19.86 -0.77 17.89
N TRP A 377 -20.24 -0.24 16.73
CA TRP A 377 -20.25 1.19 16.49
C TRP A 377 -21.66 1.64 16.14
N PRO A 378 -22.33 2.32 17.09
CA PRO A 378 -23.68 2.80 16.87
C PRO A 378 -23.88 3.65 15.62
N VAL A 379 -22.87 4.41 15.21
CA VAL A 379 -23.00 5.23 14.00
C VAL A 379 -23.49 4.40 12.79
N LEU A 380 -23.03 3.16 12.67
CA LEU A 380 -23.38 2.30 11.54
C LEU A 380 -24.88 2.06 11.37
N MSE A 381 -25.62 2.33 12.43
CA MSE A 381 -27.08 2.28 12.42
C MSE A 381 -27.71 3.02 11.27
O MSE A 381 -28.69 2.52 10.69
CB MSE A 381 -27.55 2.85 13.76
CG MSE A 381 -29.06 2.82 13.98
SE MSE A 381 -29.68 0.98 14.24
CE MSE A 381 -30.54 0.78 12.48
N TRP A 382 -27.21 4.19 10.90
CA TRP A 382 -27.86 4.96 9.84
C TRP A 382 -27.74 4.27 8.46
N MSE A 383 -26.60 3.62 8.22
CA MSE A 383 -26.37 2.86 7.00
C MSE A 383 -27.13 1.55 7.01
O MSE A 383 -27.54 1.08 5.97
CB MSE A 383 -24.87 2.63 6.82
CG MSE A 383 -24.26 3.91 6.28
SE MSE A 383 -22.29 3.81 6.36
CE MSE A 383 -22.14 4.27 8.26
N LEU A 384 -27.32 0.97 8.20
CA LEU A 384 -28.18 -0.22 8.30
C LEU A 384 -29.62 0.15 7.94
N ALA A 385 -30.06 1.29 8.44
CA ALA A 385 -31.40 1.80 8.12
C ALA A 385 -31.54 2.07 6.63
N ALA A 386 -30.60 2.82 6.08
CA ALA A 386 -30.58 3.15 4.65
C ALA A 386 -30.59 1.92 3.75
N ALA A 387 -29.71 0.96 4.03
CA ALA A 387 -29.64 -0.28 3.26
C ALA A 387 -30.91 -1.12 3.40
N SER A 388 -31.47 -1.16 4.61
CA SER A 388 -32.69 -1.94 4.89
C SER A 388 -33.90 -1.40 4.14
N VAL A 389 -34.02 -0.08 4.12
CA VAL A 389 -35.07 0.60 3.37
C VAL A 389 -34.89 0.36 1.88
N LYS A 390 -33.67 0.53 1.41
CA LYS A 390 -33.33 0.30 0.01
C LYS A 390 -33.67 -1.13 -0.45
N ALA A 391 -33.41 -2.11 0.41
CA ALA A 391 -33.68 -3.52 0.10
C ALA A 391 -35.12 -3.91 0.38
N GLY A 392 -35.94 -2.94 0.80
CA GLY A 392 -37.35 -3.17 1.07
C GLY A 392 -37.59 -4.03 2.31
N LYS A 393 -36.66 -3.97 3.27
CA LYS A 393 -36.80 -4.71 4.52
C LYS A 393 -36.56 -3.82 5.73
N PRO A 394 -37.38 -2.77 5.87
CA PRO A 394 -37.12 -1.78 6.91
C PRO A 394 -37.23 -2.33 8.35
N TYR A 395 -37.98 -3.42 8.51
CA TYR A 395 -38.12 -4.08 9.82
C TYR A 395 -36.79 -4.59 10.38
N ILE A 396 -35.82 -4.85 9.50
CA ILE A 396 -34.48 -5.22 9.95
C ILE A 396 -33.84 -4.06 10.70
N ALA A 397 -33.85 -2.87 10.11
CA ALA A 397 -33.36 -1.68 10.80
C ALA A 397 -34.23 -1.36 12.01
N GLY A 398 -35.54 -1.56 11.88
CA GLY A 398 -36.48 -1.39 12.98
C GLY A 398 -36.07 -2.14 14.24
N LYS A 399 -35.73 -3.41 14.07
CA LYS A 399 -35.29 -4.24 15.19
C LYS A 399 -33.98 -3.71 15.81
N ALA A 400 -33.06 -3.24 14.97
CA ALA A 400 -31.81 -2.65 15.47
C ALA A 400 -32.03 -1.34 16.23
N ILE A 401 -32.90 -0.49 15.69
CA ILE A 401 -33.26 0.78 16.34
C ILE A 401 -33.85 0.53 17.73
N GLU A 402 -34.74 -0.44 17.84
CA GLU A 402 -35.38 -0.79 19.11
C GLU A 402 -34.31 -1.19 20.17
N ILE A 403 -33.34 -1.98 19.75
CA ILE A 403 -32.21 -2.38 20.62
C ILE A 403 -31.34 -1.18 21.01
N ALA A 404 -30.94 -0.41 20.00
CA ALA A 404 -30.11 0.76 20.24
C ALA A 404 -30.82 1.77 21.14
N GLN A 405 -32.11 1.97 20.90
CA GLN A 405 -32.91 2.90 21.71
C GLN A 405 -32.88 2.54 23.18
N ALA A 406 -32.90 1.23 23.44
CA ALA A 406 -32.90 0.70 24.80
C ALA A 406 -31.65 1.01 25.59
N ARG A 407 -30.55 1.38 24.92
CA ARG A 407 -29.28 1.60 25.63
C ARG A 407 -28.59 2.95 25.39
N LEU A 408 -28.72 3.52 24.20
CA LEU A 408 -27.97 4.73 23.85
C LEU A 408 -28.29 5.97 24.69
N LEU A 409 -29.58 6.18 24.95
CA LEU A 409 -30.00 7.33 25.76
C LEU A 409 -29.50 7.15 27.19
N GLU A 410 -29.78 5.97 27.76
CA GLU A 410 -29.26 5.62 29.08
C GLU A 410 -27.76 5.82 29.18
N ASP A 411 -27.00 5.32 28.19
CA ASP A 411 -25.53 5.38 28.24
C ASP A 411 -24.96 6.70 27.75
N GLU A 412 -25.83 7.64 27.41
CA GLU A 412 -25.42 8.97 26.97
C GLU A 412 -24.57 8.96 25.69
N TRP A 413 -25.03 8.17 24.73
CA TRP A 413 -24.55 8.22 23.34
C TRP A 413 -23.06 7.95 23.22
N PRO A 414 -22.61 6.76 23.62
CA PRO A 414 -21.18 6.46 23.59
C PRO A 414 -20.67 6.21 22.18
N GLU A 415 -19.37 6.42 22.00
CA GLU A 415 -18.69 6.26 20.72
C GLU A 415 -18.74 4.84 20.19
N TYR A 416 -18.52 3.88 21.08
CA TYR A 416 -18.47 2.48 20.68
C TYR A 416 -18.67 1.56 21.86
N TYR A 417 -19.00 0.30 21.54
CA TYR A 417 -19.14 -0.75 22.52
C TYR A 417 -18.18 -1.91 22.21
N ASP A 418 -17.83 -2.67 23.26
CA ASP A 418 -16.89 -3.80 23.18
C ASP A 418 -17.60 -5.11 23.47
N GLY A 419 -16.91 -6.20 23.16
CA GLY A 419 -17.38 -7.54 23.46
C GLY A 419 -18.02 -8.23 22.28
N LYS A 420 -17.99 -9.56 22.30
CA LYS A 420 -18.59 -10.37 21.24
C LYS A 420 -20.02 -9.97 20.92
N LYS A 421 -20.76 -9.51 21.91
CA LYS A 421 -22.14 -9.10 21.69
C LYS A 421 -22.38 -7.62 21.93
N GLY A 422 -21.29 -6.87 22.02
CA GLY A 422 -21.39 -5.42 22.24
C GLY A 422 -22.06 -5.03 23.56
N ARG A 423 -21.90 -5.86 24.58
CA ARG A 423 -22.51 -5.59 25.89
C ARG A 423 -21.83 -4.48 26.69
N LEU A 424 -20.54 -4.27 26.48
CA LEU A 424 -19.77 -3.33 27.30
C LEU A 424 -19.64 -1.98 26.62
N ILE A 425 -19.89 -0.90 27.36
CA ILE A 425 -19.53 0.43 26.88
C ILE A 425 -18.02 0.41 26.63
N GLY A 426 -17.60 0.97 25.51
CA GLY A 426 -16.20 0.95 25.13
C GLY A 426 -15.34 1.51 26.24
N LYS A 427 -14.22 0.87 26.50
CA LYS A 427 -13.33 1.26 27.57
C LYS A 427 -12.90 2.75 27.47
N GLN A 428 -12.57 3.21 26.26
CA GLN A 428 -12.27 4.64 26.04
C GLN A 428 -13.32 5.38 25.22
N ALA A 429 -14.53 4.86 25.18
CA ALA A 429 -15.61 5.50 24.43
C ALA A 429 -15.95 6.85 25.05
N ARG A 430 -15.89 7.89 24.25
CA ARG A 430 -16.40 9.20 24.67
C ARG A 430 -17.92 9.13 24.73
N LYS A 431 -18.49 9.86 25.68
CA LYS A 431 -19.93 10.04 25.74
C LYS A 431 -20.32 11.23 24.86
N TYR A 432 -21.59 11.28 24.48
CA TYR A 432 -22.10 12.30 23.58
C TYR A 432 -21.26 12.36 22.30
N GLN A 433 -20.95 11.18 21.78
CA GLN A 433 -20.25 11.08 20.51
C GLN A 433 -21.25 11.47 19.43
N THR A 434 -20.91 12.51 18.69
CA THR A 434 -21.86 13.12 17.75
C THR A 434 -22.38 12.18 16.68
N TRP A 435 -21.54 11.35 16.06
CA TRP A 435 -22.07 10.45 15.03
C TRP A 435 -22.91 9.31 15.58
N THR A 436 -22.78 9.03 16.88
CA THR A 436 -23.68 8.09 17.54
C THR A 436 -25.08 8.71 17.64
N ILE A 437 -25.12 9.98 18.03
CA ILE A 437 -26.38 10.73 18.15
C ILE A 437 -27.00 10.95 16.76
N ALA A 438 -26.19 11.46 15.84
CA ALA A 438 -26.65 11.73 14.48
C ALA A 438 -27.05 10.45 13.76
N GLY A 439 -26.26 9.41 13.93
CA GLY A 439 -26.53 8.11 13.31
C GLY A 439 -27.87 7.56 13.74
N PHE A 440 -28.17 7.69 15.04
CA PHE A 440 -29.44 7.27 15.57
C PHE A 440 -30.60 8.07 14.97
N LEU A 441 -30.49 9.39 15.01
CA LEU A 441 -31.55 10.24 14.48
C LEU A 441 -31.77 10.00 13.00
N LEU A 442 -30.67 9.86 12.26
CA LEU A 442 -30.72 9.70 10.82
C LEU A 442 -31.42 8.41 10.50
N ALA A 443 -31.07 7.35 11.23
CA ALA A 443 -31.75 6.08 11.10
C ALA A 443 -33.26 6.25 11.25
N ALA A 444 -33.67 6.93 12.30
CA ALA A 444 -35.10 7.17 12.53
C ALA A 444 -35.74 7.97 11.38
N GLU A 445 -35.06 9.00 10.87
CA GLU A 445 -35.58 9.81 9.76
C GLU A 445 -35.75 9.01 8.48
N LEU A 446 -34.73 8.22 8.13
CA LEU A 446 -34.78 7.36 6.95
C LEU A 446 -35.90 6.32 7.04
N MSE A 447 -36.25 5.89 8.26
CA MSE A 447 -37.36 4.95 8.46
C MSE A 447 -38.68 5.64 8.20
O MSE A 447 -39.58 5.05 7.59
CB MSE A 447 -37.40 4.40 9.88
CG MSE A 447 -36.18 3.56 10.27
SE MSE A 447 -36.26 1.75 9.49
CE MSE A 447 -37.86 1.11 10.44
N LYS A 448 -38.81 6.87 8.66
CA LYS A 448 -40.04 7.66 8.47
C LYS A 448 -40.24 8.07 7.01
N ASN A 449 -39.14 8.36 6.32
CA ASN A 449 -39.21 8.90 4.95
C ASN A 449 -38.16 8.29 4.02
N PRO A 450 -38.46 7.11 3.44
CA PRO A 450 -37.57 6.38 2.51
C PRO A 450 -37.00 7.20 1.35
N SER A 451 -37.74 8.18 0.84
CA SER A 451 -37.29 8.97 -0.31
C SER A 451 -36.04 9.81 0.01
N LEU A 452 -35.73 9.96 1.29
CA LEU A 452 -34.49 10.64 1.71
C LEU A 452 -33.21 9.90 1.27
N LEU A 453 -33.36 8.63 0.88
CA LEU A 453 -32.26 7.88 0.27
C LEU A 453 -31.67 8.59 -0.95
N SER A 454 -32.46 9.44 -1.60
CA SER A 454 -31.98 10.20 -2.73
C SER A 454 -30.83 11.14 -2.36
N LEU A 455 -30.70 11.48 -1.08
CA LEU A 455 -29.58 12.29 -0.59
C LEU A 455 -28.23 11.57 -0.64
N ILE A 456 -28.24 10.26 -0.52
CA ILE A 456 -26.99 9.51 -0.34
C ILE A 456 -26.76 8.47 -1.46
N SER A 457 -27.56 8.51 -2.51
CA SER A 457 -27.37 7.62 -3.67
C SER A 457 -27.92 8.22 -4.95
N ASP B 11 39.21 -21.09 -14.24
CA ASP B 11 39.38 -22.40 -14.93
C ASP B 11 38.20 -22.66 -15.87
N ILE B 12 37.79 -23.91 -16.02
CA ILE B 12 36.69 -24.26 -16.92
C ILE B 12 35.36 -23.62 -16.48
N ILE B 13 35.24 -23.35 -15.19
CA ILE B 13 34.00 -22.80 -14.63
C ILE B 13 33.73 -21.41 -15.20
N GLU B 14 34.71 -20.51 -15.09
CA GLU B 14 34.59 -19.15 -15.63
C GLU B 14 34.37 -19.15 -17.15
N GLU B 15 35.12 -19.99 -17.85
CA GLU B 15 35.00 -20.15 -19.31
C GLU B 15 33.57 -20.52 -19.71
N SER B 16 33.03 -21.55 -19.06
CA SER B 16 31.64 -21.98 -19.27
C SER B 16 30.64 -20.87 -18.96
N ALA B 17 30.92 -20.10 -17.91
CA ALA B 17 30.04 -18.97 -17.56
C ALA B 17 30.01 -17.95 -18.69
N TRP B 18 31.19 -17.56 -19.17
CA TRP B 18 31.32 -16.60 -20.27
C TRP B 18 30.57 -17.07 -21.50
N GLU B 19 30.78 -18.34 -21.85
CA GLU B 19 30.12 -18.96 -23.00
C GLU B 19 28.59 -18.96 -22.84
N ALA B 20 28.13 -19.19 -21.63
CA ALA B 20 26.69 -19.15 -21.33
C ALA B 20 26.14 -17.73 -21.43
N LEU B 21 26.86 -16.77 -20.83
CA LEU B 21 26.44 -15.37 -20.90
C LEU B 21 26.31 -14.90 -22.35
N GLU B 22 27.25 -15.28 -23.20
CA GLU B 22 27.20 -14.95 -24.64
C GLU B 22 25.92 -15.46 -25.31
N LYS B 23 25.55 -16.72 -25.03
CA LYS B 23 24.35 -17.31 -25.64
C LYS B 23 23.04 -16.67 -25.18
N SER B 24 23.08 -15.99 -24.03
CA SER B 24 21.88 -15.38 -23.48
C SER B 24 21.54 -14.03 -24.12
N ILE B 25 22.46 -13.46 -24.89
CA ILE B 25 22.25 -12.14 -25.49
C ILE B 25 21.01 -12.14 -26.40
N LEU B 26 20.21 -11.09 -26.29
CA LEU B 26 18.97 -10.93 -27.04
C LEU B 26 19.18 -9.87 -28.11
N TYR B 27 18.84 -10.21 -29.35
CA TYR B 27 19.02 -9.31 -30.48
C TYR B 27 17.69 -8.71 -30.93
N TYR B 28 17.74 -7.46 -31.33
CA TYR B 28 16.60 -6.73 -31.88
C TYR B 28 17.08 -5.90 -33.06
N LYS B 29 16.52 -6.15 -34.25
CA LYS B 29 16.97 -5.52 -35.49
C LYS B 29 18.46 -5.75 -35.72
N GLY B 30 18.93 -6.95 -35.37
CA GLY B 30 20.33 -7.33 -35.53
C GLY B 30 21.30 -6.78 -34.51
N ARG B 31 20.82 -5.97 -33.55
CA ARG B 31 21.68 -5.40 -32.51
C ARG B 31 21.34 -6.02 -31.13
N PRO B 32 22.35 -6.24 -30.28
CA PRO B 32 22.08 -6.73 -28.92
C PRO B 32 21.35 -5.68 -28.09
N VAL B 33 20.24 -6.07 -27.46
CA VAL B 33 19.44 -5.14 -26.63
C VAL B 33 19.25 -5.57 -25.17
N GLY B 34 19.86 -6.69 -24.79
CA GLY B 34 19.77 -7.19 -23.42
C GLY B 34 20.18 -8.65 -23.34
N THR B 35 19.74 -9.32 -22.28
CA THR B 35 19.93 -10.77 -22.15
C THR B 35 18.63 -11.39 -21.70
N VAL B 36 18.40 -12.64 -22.10
CA VAL B 36 17.23 -13.40 -21.64
C VAL B 36 17.41 -13.87 -20.20
N ALA B 37 16.30 -14.15 -19.53
CA ALA B 37 16.33 -14.54 -18.12
C ALA B 37 16.95 -15.91 -17.95
N ALA B 38 16.61 -16.82 -18.85
CA ALA B 38 17.18 -18.17 -18.85
C ALA B 38 17.16 -18.75 -20.25
N PHE B 39 18.34 -19.13 -20.74
CA PHE B 39 18.48 -19.63 -22.10
C PHE B 39 17.97 -21.06 -22.21
N ASP B 40 17.03 -21.28 -23.12
CA ASP B 40 16.48 -22.61 -23.38
C ASP B 40 16.90 -23.08 -24.77
N ASN B 47 10.63 -16.26 -22.00
CA ASN B 47 10.95 -16.96 -23.25
C ASN B 47 12.30 -16.57 -23.85
N TYR B 48 12.61 -17.21 -24.97
CA TYR B 48 13.82 -16.95 -25.76
C TYR B 48 13.95 -15.50 -26.17
N ASP B 49 12.84 -14.76 -26.10
CA ASP B 49 12.80 -13.36 -26.48
C ASP B 49 12.54 -12.40 -25.31
N GLN B 50 12.78 -12.83 -24.08
CA GLN B 50 12.36 -12.04 -22.90
C GLN B 50 13.49 -11.47 -22.02
N CYS B 51 13.64 -10.15 -22.01
CA CYS B 51 14.62 -9.49 -21.15
C CYS B 51 13.98 -8.83 -19.93
N PHE B 52 14.37 -9.26 -18.73
CA PHE B 52 13.98 -8.58 -17.48
C PHE B 52 14.99 -7.52 -17.10
N VAL B 53 14.49 -6.35 -16.75
CA VAL B 53 15.33 -5.20 -16.41
C VAL B 53 16.24 -5.51 -15.23
N ARG B 54 15.65 -5.99 -14.13
CA ARG B 54 16.43 -6.27 -12.93
C ARG B 54 17.47 -7.37 -13.20
N ASP B 55 17.08 -8.40 -13.95
CA ASP B 55 18.01 -9.46 -14.34
C ASP B 55 19.17 -8.93 -15.19
N PHE B 56 18.88 -7.96 -16.04
CA PHE B 56 19.89 -7.42 -16.95
C PHE B 56 21.01 -6.66 -16.24
N VAL B 57 20.77 -6.19 -15.01
CA VAL B 57 21.76 -5.38 -14.29
C VAL B 57 23.13 -6.07 -14.16
N SER B 58 23.12 -7.32 -13.70
CA SER B 58 24.38 -8.06 -13.55
C SER B 58 25.07 -8.28 -14.90
N SER B 59 24.29 -8.67 -15.92
CA SER B 59 24.82 -8.83 -17.27
C SER B 59 25.41 -7.52 -17.77
N ALA B 60 24.65 -6.44 -17.58
CA ALA B 60 25.04 -5.12 -18.04
C ALA B 60 26.37 -4.69 -17.45
N LEU B 61 26.52 -4.85 -16.13
CA LEU B 61 27.75 -4.45 -15.45
C LEU B 61 28.95 -5.25 -15.96
N ILE B 62 28.78 -6.55 -16.18
CA ILE B 62 29.83 -7.36 -16.80
C ILE B 62 30.21 -6.79 -18.15
N PHE B 63 29.22 -6.58 -19.02
CA PHE B 63 29.49 -6.05 -20.36
C PHE B 63 30.21 -4.71 -20.31
N LEU B 64 29.79 -3.82 -19.42
CA LEU B 64 30.47 -2.54 -19.22
C LEU B 64 31.93 -2.73 -18.85
N ILE B 65 32.15 -3.57 -17.84
CA ILE B 65 33.50 -3.93 -17.37
C ILE B 65 34.39 -4.44 -18.51
N LYS B 66 33.81 -5.25 -19.39
CA LYS B 66 34.54 -5.81 -20.53
C LYS B 66 34.56 -4.89 -21.77
N GLY B 67 34.01 -3.69 -21.63
CA GLY B 67 34.07 -2.69 -22.70
C GLY B 67 33.12 -2.91 -23.86
N LYS B 68 32.16 -3.83 -23.70
CA LYS B 68 31.11 -4.05 -24.70
C LYS B 68 29.90 -3.21 -24.29
N THR B 69 29.98 -1.90 -24.54
CA THR B 69 29.02 -0.95 -23.99
C THR B 69 27.76 -0.80 -24.82
N ASP B 70 27.82 -1.17 -26.09
CA ASP B 70 26.70 -0.88 -27.01
C ASP B 70 25.43 -1.63 -26.63
N ILE B 71 25.57 -2.84 -26.10
CA ILE B 71 24.41 -3.61 -25.63
C ILE B 71 23.65 -2.85 -24.53
N VAL B 72 24.39 -2.18 -23.65
CA VAL B 72 23.81 -1.45 -22.53
C VAL B 72 23.15 -0.17 -23.04
N ARG B 73 23.83 0.53 -23.93
CA ARG B 73 23.28 1.70 -24.59
C ARG B 73 21.95 1.36 -25.24
N ASN B 74 21.94 0.32 -26.05
CA ASN B 74 20.73 -0.06 -26.77
C ASN B 74 19.62 -0.44 -25.80
N PHE B 75 19.96 -1.14 -24.73
CA PHE B 75 18.99 -1.50 -23.70
C PHE B 75 18.36 -0.26 -23.09
N LEU B 76 19.19 0.72 -22.74
CA LEU B 76 18.70 1.94 -22.12
C LEU B 76 17.82 2.73 -23.08
N GLU B 77 18.27 2.87 -24.32
CA GLU B 77 17.50 3.60 -25.33
C GLU B 77 16.15 2.96 -25.62
N GLU B 78 16.13 1.63 -25.71
CA GLU B 78 14.89 0.92 -26.05
C GLU B 78 13.90 0.90 -24.89
N THR B 79 14.38 0.69 -23.68
CA THR B 79 13.49 0.69 -22.51
C THR B 79 12.93 2.08 -22.24
N LEU B 80 13.75 3.11 -22.41
CA LEU B 80 13.27 4.49 -22.31
C LEU B 80 12.04 4.73 -23.18
N LYS B 81 12.06 4.22 -24.41
CA LYS B 81 10.93 4.39 -25.33
C LYS B 81 9.68 3.67 -24.84
N LEU B 82 9.85 2.64 -24.01
CA LEU B 82 8.72 1.89 -23.47
C LEU B 82 8.06 2.55 -22.26
N GLN B 83 8.72 3.54 -21.69
CA GLN B 83 8.22 4.26 -20.51
C GLN B 83 6.97 5.08 -20.84
N PRO B 84 5.85 4.87 -20.13
CA PRO B 84 4.70 5.73 -20.39
C PRO B 84 5.03 7.16 -20.01
N LYS B 85 4.71 8.10 -20.90
CA LYS B 85 5.10 9.49 -20.75
C LYS B 85 3.98 10.36 -20.17
N ASP B 86 2.75 9.86 -20.23
CA ASP B 86 1.60 10.62 -19.76
C ASP B 86 0.91 9.95 -18.57
N ARG B 87 0.23 10.77 -17.78
CA ARG B 87 -0.61 10.32 -16.66
C ARG B 87 -1.63 9.30 -17.20
N GLN B 88 -1.86 8.25 -16.43
CA GLN B 88 -2.74 7.17 -16.85
C GLN B 88 -3.89 7.02 -15.87
N LEU B 89 -5.10 7.28 -16.36
CA LEU B 89 -6.30 7.22 -15.54
C LEU B 89 -7.14 5.97 -15.77
N ASP B 90 -6.70 5.09 -16.69
CA ASP B 90 -7.47 3.89 -17.00
C ASP B 90 -6.87 2.66 -16.34
N ALA B 91 -7.74 1.76 -15.88
CA ALA B 91 -7.33 0.50 -15.27
C ALA B 91 -6.56 -0.37 -16.26
N TYR B 92 -5.61 -1.14 -15.72
CA TYR B 92 -4.84 -2.14 -16.48
C TYR B 92 -3.92 -1.54 -17.53
N LYS B 93 -3.48 -0.32 -17.28
CA LYS B 93 -2.47 0.31 -18.09
C LYS B 93 -1.45 0.93 -17.15
N PRO B 94 -0.18 0.98 -17.59
CA PRO B 94 0.89 1.35 -16.67
C PRO B 94 0.89 2.82 -16.27
N GLY B 95 1.30 3.06 -15.03
CA GLY B 95 1.41 4.41 -14.50
C GLY B 95 2.51 5.20 -15.16
N ARG B 96 2.37 6.51 -15.14
CA ARG B 96 3.31 7.44 -15.75
C ARG B 96 4.73 7.23 -15.22
N GLY B 97 5.69 7.19 -16.14
CA GLY B 97 7.11 7.16 -15.76
C GLY B 97 7.70 5.79 -15.45
N LEU B 98 6.87 4.76 -15.37
CA LEU B 98 7.39 3.43 -15.01
C LEU B 98 8.21 2.77 -16.10
N ILE B 99 9.15 1.92 -15.67
CA ILE B 99 9.90 1.04 -16.55
C ILE B 99 9.30 -0.35 -16.40
N PRO B 100 9.04 -1.03 -17.53
CA PRO B 100 8.41 -2.35 -17.43
C PRO B 100 9.36 -3.37 -16.79
N ALA B 101 8.80 -4.40 -16.17
CA ALA B 101 9.61 -5.43 -15.55
C ALA B 101 10.42 -6.16 -16.61
N SER B 102 9.80 -6.36 -17.76
CA SER B 102 10.42 -7.10 -18.84
C SER B 102 9.92 -6.61 -20.19
N PHE B 103 10.62 -7.04 -21.24
CA PHE B 103 10.17 -6.79 -22.59
C PHE B 103 10.60 -7.93 -23.47
N LYS B 104 9.99 -8.02 -24.64
CA LYS B 104 10.39 -9.04 -25.57
C LYS B 104 10.29 -8.58 -27.01
N VAL B 105 10.98 -9.31 -27.86
CA VAL B 105 11.03 -9.03 -29.28
C VAL B 105 9.92 -9.80 -29.96
N VAL B 106 9.01 -9.07 -30.60
CA VAL B 106 7.93 -9.67 -31.36
C VAL B 106 8.31 -9.60 -32.83
N SER B 107 8.68 -10.74 -33.40
CA SER B 107 9.06 -10.83 -34.82
C SER B 107 7.87 -11.18 -35.71
N ASP B 108 6.69 -11.34 -35.11
CA ASP B 108 5.49 -11.79 -35.83
C ASP B 108 4.96 -10.82 -36.87
N ASN B 109 5.07 -9.52 -36.61
CA ASN B 109 4.72 -8.52 -37.63
C ASN B 109 5.77 -8.59 -38.71
N GLY B 110 5.54 -7.92 -39.84
CA GLY B 110 6.51 -7.94 -40.92
C GLY B 110 7.89 -7.57 -40.41
N GLU B 111 7.92 -6.63 -39.46
CA GLU B 111 9.16 -6.14 -38.86
C GLU B 111 9.17 -6.32 -37.35
N GLU B 112 10.38 -6.48 -36.80
CA GLU B 112 10.57 -6.63 -35.36
C GLU B 112 10.13 -5.38 -34.59
N TYR B 113 9.48 -5.60 -33.45
CA TYR B 113 9.25 -4.52 -32.48
C TYR B 113 9.29 -5.08 -31.06
N LEU B 114 9.39 -4.17 -30.09
CA LEU B 114 9.49 -4.54 -28.69
C LEU B 114 8.16 -4.37 -28.01
N GLU B 115 7.84 -5.34 -27.16
CA GLU B 115 6.59 -5.36 -26.43
C GLU B 115 6.92 -5.36 -24.96
N ALA B 116 6.42 -4.35 -24.26
CA ALA B 116 6.66 -4.19 -22.83
C ALA B 116 5.70 -5.05 -22.02
N ASP B 117 6.21 -5.64 -20.95
CA ASP B 117 5.37 -6.27 -19.94
C ASP B 117 5.41 -5.40 -18.68
N PHE B 118 4.35 -4.63 -18.46
CA PHE B 118 4.21 -3.84 -17.25
C PHE B 118 3.49 -4.60 -16.13
N GLY B 119 3.00 -5.80 -16.48
CA GLY B 119 2.22 -6.64 -15.57
C GLY B 119 0.73 -6.62 -15.90
N GLU B 120 0.37 -6.04 -17.05
CA GLU B 120 -1.03 -5.81 -17.41
C GLU B 120 -1.89 -7.08 -17.44
N HIS B 121 -1.27 -8.22 -17.70
CA HIS B 121 -1.95 -9.53 -17.74
C HIS B 121 -1.34 -10.55 -16.78
N ALA B 122 -0.42 -10.10 -15.92
CA ALA B 122 0.30 -10.97 -15.01
C ALA B 122 -0.60 -11.45 -13.87
N ILE B 123 -0.09 -12.36 -13.05
CA ILE B 123 -0.87 -12.89 -11.93
C ILE B 123 -1.09 -11.80 -10.89
N ALA B 124 -0.19 -10.82 -10.83
CA ALA B 124 -0.40 -9.62 -10.05
C ALA B 124 -0.29 -8.42 -10.99
N ARG B 125 -1.39 -7.67 -11.11
CA ARG B 125 -1.45 -6.53 -12.02
C ARG B 125 -0.84 -5.32 -11.33
N VAL B 126 0.42 -5.48 -10.98
CA VAL B 126 1.20 -4.49 -10.28
C VAL B 126 2.49 -4.33 -11.07
N THR B 127 2.93 -3.09 -11.28
CA THR B 127 4.22 -2.82 -11.90
C THR B 127 5.31 -2.71 -10.82
N PRO B 128 6.28 -3.64 -10.81
CA PRO B 128 7.34 -3.52 -9.83
C PRO B 128 8.08 -2.19 -9.96
N VAL B 129 8.47 -1.63 -8.83
CA VAL B 129 9.07 -0.30 -8.79
C VAL B 129 10.59 -0.36 -8.95
N ASP B 130 11.19 -1.50 -8.63
CA ASP B 130 12.65 -1.62 -8.65
C ASP B 130 13.25 -1.40 -10.04
N SER B 131 12.52 -1.86 -11.07
CA SER B 131 12.99 -1.77 -12.47
C SER B 131 13.37 -0.35 -12.87
N CYS B 132 12.53 0.62 -12.56
CA CYS B 132 12.79 2.00 -12.93
C CYS B 132 13.96 2.58 -12.13
N LEU B 133 14.12 2.12 -10.89
CA LEU B 133 15.28 2.53 -10.07
C LEU B 133 16.58 1.91 -10.57
N TRP B 134 16.56 0.62 -10.91
CA TRP B 134 17.71 -0.03 -11.54
C TRP B 134 18.05 0.63 -12.88
N TRP B 135 17.03 1.09 -13.59
CA TRP B 135 17.23 1.72 -14.90
C TRP B 135 18.13 2.96 -14.74
N ILE B 136 17.81 3.78 -13.73
CA ILE B 136 18.61 4.96 -13.42
C ILE B 136 20.03 4.59 -13.03
N LEU B 137 20.15 3.60 -12.14
CA LEU B 137 21.46 3.15 -11.73
C LEU B 137 22.27 2.61 -12.90
N LEU B 138 21.60 1.90 -13.81
CA LEU B 138 22.25 1.43 -15.03
C LEU B 138 22.73 2.55 -15.95
N LEU B 139 21.88 3.55 -16.12
CA LEU B 139 22.23 4.73 -16.90
C LEU B 139 23.51 5.35 -16.36
N ARG B 140 23.58 5.53 -15.05
CA ARG B 140 24.79 6.08 -14.43
C ARG B 140 25.99 5.16 -14.65
N ALA B 141 25.79 3.87 -14.47
CA ALA B 141 26.85 2.88 -14.70
C ALA B 141 27.43 3.06 -16.10
N TYR B 142 26.54 3.18 -17.08
CA TYR B 142 26.93 3.34 -18.48
C TYR B 142 27.76 4.58 -18.73
N VAL B 143 27.29 5.73 -18.25
CA VAL B 143 28.00 7.00 -18.49
C VAL B 143 29.35 7.02 -17.77
N VAL B 144 29.43 6.42 -16.59
CA VAL B 144 30.69 6.32 -15.85
C VAL B 144 31.66 5.38 -16.60
N ALA B 145 31.18 4.22 -17.02
CA ALA B 145 31.98 3.28 -17.82
C ALA B 145 32.45 3.86 -19.16
N SER B 146 31.59 4.63 -19.82
CA SER B 146 31.92 5.27 -21.09
C SER B 146 32.81 6.51 -20.89
N LYS B 147 32.96 6.94 -19.63
CA LYS B 147 33.61 8.21 -19.30
C LYS B 147 32.98 9.37 -20.10
N ASP B 148 31.66 9.32 -20.24
CA ASP B 148 30.92 10.26 -21.08
C ASP B 148 29.43 10.28 -20.67
N PHE B 149 29.00 11.40 -20.10
CA PHE B 149 27.62 11.59 -19.64
C PHE B 149 26.65 12.05 -20.73
N SER B 150 27.13 12.18 -21.96
CA SER B 150 26.34 12.73 -23.06
C SER B 150 24.96 12.06 -23.23
N LEU B 151 24.93 10.74 -23.21
CA LEU B 151 23.65 10.01 -23.34
C LEU B 151 22.61 10.53 -22.36
N ALA B 152 23.03 10.67 -21.10
CA ALA B 152 22.15 11.09 -20.01
C ALA B 152 21.58 12.49 -20.21
N TYR B 153 22.36 13.36 -20.84
CA TYR B 153 21.98 14.77 -21.02
C TYR B 153 21.14 15.02 -22.26
N GLN B 154 20.96 13.99 -23.08
CA GLN B 154 20.04 14.08 -24.21
C GLN B 154 18.63 14.30 -23.64
N PRO B 155 17.81 15.12 -24.33
CA PRO B 155 16.54 15.56 -23.74
C PRO B 155 15.60 14.41 -23.38
N GLU B 156 15.52 13.39 -24.23
CA GLU B 156 14.67 12.25 -23.91
C GLU B 156 15.11 11.55 -22.61
N PHE B 157 16.41 11.51 -22.34
CA PHE B 157 16.91 10.92 -21.08
C PHE B 157 16.67 11.80 -19.87
N GLN B 158 16.83 13.11 -20.03
CA GLN B 158 16.46 14.05 -18.98
C GLN B 158 15.00 13.84 -18.60
N THR B 159 14.14 13.68 -19.60
CA THR B 159 12.71 13.47 -19.39
C THR B 159 12.45 12.14 -18.67
N GLY B 160 13.11 11.08 -19.13
CA GLY B 160 12.98 9.76 -18.51
C GLY B 160 13.34 9.76 -17.04
N ILE B 161 14.50 10.33 -16.73
CA ILE B 161 14.96 10.41 -15.34
C ILE B 161 13.93 11.18 -14.52
N ARG B 162 13.58 12.37 -15.01
CA ARG B 162 12.64 13.27 -14.34
C ARG B 162 11.30 12.61 -14.00
N LEU B 163 10.74 11.87 -14.95
CA LEU B 163 9.45 11.21 -14.75
C LEU B 163 9.52 10.12 -13.67
N ILE B 164 10.64 9.40 -13.62
CA ILE B 164 10.83 8.36 -12.61
C ILE B 164 10.92 9.00 -11.22
N MSE B 165 11.60 10.13 -11.15
CA MSE B 165 11.76 10.84 -9.89
C MSE B 165 10.44 11.39 -9.43
O MSE B 165 10.14 11.36 -8.24
CB MSE B 165 12.81 11.94 -10.03
CG MSE B 165 14.20 11.33 -10.17
SE MSE B 165 14.78 10.55 -8.46
CE MSE B 165 14.60 8.62 -8.79
N GLU B 166 9.62 11.87 -10.37
CA GLU B 166 8.32 12.46 -10.03
C GLU B 166 7.36 11.43 -9.43
N ILE B 167 7.21 10.28 -10.08
CA ILE B 167 6.32 9.23 -9.57
C ILE B 167 6.79 8.71 -8.20
N CYS B 168 8.10 8.64 -7.98
CA CYS B 168 8.64 8.19 -6.70
C CYS B 168 8.52 9.23 -5.59
N LEU B 169 8.77 10.49 -5.92
CA LEU B 169 8.76 11.57 -4.93
C LEU B 169 7.37 12.03 -4.54
N ALA B 170 6.43 12.00 -5.48
CA ALA B 170 5.12 12.60 -5.27
C ALA B 170 4.38 11.85 -4.18
N ASN B 171 3.90 12.60 -3.19
CA ASN B 171 3.09 12.02 -2.12
C ASN B 171 1.68 11.77 -2.62
N ARG B 172 1.13 10.62 -2.27
CA ARG B 172 -0.27 10.34 -2.58
C ARG B 172 -1.05 10.36 -1.27
N PHE B 173 -1.13 9.23 -0.56
CA PHE B 173 -1.82 9.18 0.74
C PHE B 173 -0.80 9.14 1.89
N ASP B 174 0.25 8.36 1.67
CA ASP B 174 1.35 8.20 2.61
C ASP B 174 2.35 9.35 2.43
N MSE B 175 2.76 9.96 3.54
CA MSE B 175 3.63 11.14 3.51
C MSE B 175 5.02 10.93 4.07
O MSE B 175 5.78 11.89 4.23
CB MSE B 175 3.00 12.28 4.31
CG MSE B 175 1.61 12.67 3.83
SE MSE B 175 0.88 14.10 4.98
CE MSE B 175 0.44 13.04 6.58
N TYR B 176 5.38 9.68 4.39
CA TYR B 176 6.74 9.41 4.86
C TYR B 176 7.72 9.67 3.72
N PRO B 177 8.99 9.95 4.06
CA PRO B 177 9.99 10.20 3.02
C PRO B 177 10.32 8.95 2.22
N THR B 178 9.90 7.80 2.73
CA THR B 178 10.00 6.56 2.00
C THR B 178 8.92 6.42 0.93
N LEU B 179 9.11 5.39 0.11
CA LEU B 179 8.25 5.06 -0.99
C LEU B 179 7.23 4.01 -0.52
N LEU B 180 5.95 4.32 -0.69
CA LEU B 180 4.88 3.41 -0.29
C LEU B 180 4.52 2.54 -1.49
N VAL B 181 4.46 1.24 -1.29
CA VAL B 181 4.16 0.32 -2.38
C VAL B 181 3.19 -0.78 -1.97
N PRO B 182 2.52 -1.38 -2.97
CA PRO B 182 1.82 -2.63 -2.72
C PRO B 182 2.81 -3.77 -2.54
N ASP B 183 2.31 -4.93 -2.12
CA ASP B 183 3.15 -6.10 -1.94
C ASP B 183 3.66 -6.54 -3.32
N GLY B 184 4.75 -7.30 -3.31
CA GLY B 184 5.31 -7.84 -4.54
C GLY B 184 5.76 -6.80 -5.55
N ALA B 185 6.40 -5.73 -5.10
CA ALA B 185 6.76 -4.62 -5.98
C ALA B 185 8.26 -4.46 -6.23
N CYS B 186 9.01 -5.54 -6.05
CA CYS B 186 10.45 -5.52 -6.36
C CYS B 186 10.90 -6.91 -6.83
N MSE B 187 12.19 -7.24 -6.68
CA MSE B 187 12.70 -8.57 -7.02
C MSE B 187 11.77 -9.62 -6.49
O MSE B 187 11.48 -10.61 -7.18
CB MSE B 187 14.09 -8.75 -6.43
CG MSE B 187 14.53 -10.20 -6.37
SE MSE B 187 16.46 -10.26 -5.98
CE MSE B 187 16.75 -12.19 -6.31
N ILE B 188 11.31 -9.43 -5.26
CA ILE B 188 10.25 -10.24 -4.68
C ILE B 188 8.93 -9.70 -5.24
N ASP B 189 8.45 -10.37 -6.29
CA ASP B 189 7.28 -9.89 -7.01
C ASP B 189 6.07 -10.79 -6.79
N ARG B 190 6.04 -11.44 -5.62
CA ARG B 190 4.86 -12.15 -5.14
C ARG B 190 4.57 -11.69 -3.71
N ARG B 191 3.46 -12.15 -3.16
CA ARG B 191 2.99 -11.68 -1.86
C ARG B 191 3.84 -12.23 -0.71
N LEU B 192 4.72 -11.39 -0.16
CA LEU B 192 5.61 -11.83 0.93
C LEU B 192 5.58 -10.87 2.12
N GLY B 193 4.50 -10.11 2.23
CA GLY B 193 4.35 -9.14 3.30
C GLY B 193 5.34 -7.99 3.17
N ILE B 194 5.67 -7.62 1.94
CA ILE B 194 6.56 -6.46 1.72
C ILE B 194 5.83 -5.25 1.13
N TYR B 195 4.52 -5.19 1.34
CA TYR B 195 3.76 -3.95 1.10
C TYR B 195 4.26 -2.94 2.11
N GLY B 196 3.98 -1.66 1.88
CA GLY B 196 4.35 -0.62 2.84
C GLY B 196 5.66 0.04 2.42
N HIS B 197 6.67 -0.01 3.30
CA HIS B 197 7.97 0.63 3.04
C HIS B 197 9.15 -0.34 3.10
N PRO B 198 9.13 -1.35 2.22
CA PRO B 198 10.17 -2.37 2.25
C PRO B 198 11.54 -1.79 1.98
N LEU B 199 12.53 -2.33 2.68
CA LEU B 199 13.88 -1.82 2.65
C LEU B 199 14.47 -1.76 1.24
N GLU B 200 14.34 -2.86 0.50
CA GLU B 200 14.90 -2.95 -0.87
C GLU B 200 14.63 -1.69 -1.69
N LEU B 201 13.38 -1.26 -1.68
CA LEU B 201 12.96 -0.14 -2.52
C LEU B 201 13.42 1.20 -1.99
N GLN B 202 13.49 1.34 -0.67
CA GLN B 202 14.00 2.57 -0.05
C GLN B 202 15.47 2.75 -0.35
N VAL B 203 16.22 1.66 -0.28
CA VAL B 203 17.64 1.69 -0.57
C VAL B 203 17.89 2.02 -2.04
N LEU B 204 17.14 1.37 -2.94
CA LEU B 204 17.28 1.67 -4.36
C LEU B 204 16.85 3.08 -4.67
N PHE B 205 15.78 3.52 -3.99
CA PHE B 205 15.27 4.89 -4.14
C PHE B 205 16.36 5.87 -3.76
N TYR B 206 16.99 5.64 -2.61
CA TYR B 206 18.12 6.47 -2.19
C TYR B 206 19.25 6.51 -3.21
N ALA B 207 19.64 5.35 -3.72
CA ALA B 207 20.75 5.28 -4.67
C ALA B 207 20.39 5.98 -5.98
N ALA B 208 19.14 5.82 -6.40
CA ALA B 208 18.65 6.45 -7.62
C ALA B 208 18.56 7.95 -7.47
N LEU B 209 18.11 8.43 -6.31
CA LEU B 209 18.06 9.87 -6.05
C LEU B 209 19.45 10.47 -6.20
N ARG B 210 20.44 9.79 -5.63
CA ARG B 210 21.83 10.23 -5.75
C ARG B 210 22.31 10.24 -7.18
N ALA B 211 21.96 9.18 -7.93
CA ALA B 211 22.36 9.06 -9.32
C ALA B 211 21.69 10.10 -10.20
N ALA B 212 20.40 10.34 -9.96
CA ALA B 212 19.65 11.32 -10.73
C ALA B 212 20.18 12.72 -10.50
N ARG B 213 20.58 13.03 -9.26
CA ARG B 213 21.11 14.36 -8.99
C ARG B 213 22.40 14.63 -9.76
N GLU B 214 23.20 13.59 -9.97
CA GLU B 214 24.45 13.70 -10.73
C GLU B 214 24.20 13.97 -12.23
N MSE B 215 23.04 13.57 -12.74
CA MSE B 215 22.79 13.57 -14.19
C MSE B 215 21.74 14.54 -14.68
O MSE B 215 21.63 14.76 -15.88
CB MSE B 215 22.34 12.15 -14.58
CG MSE B 215 23.47 11.14 -14.43
SE MSE B 215 22.87 9.36 -15.03
CE MSE B 215 21.25 9.08 -13.96
N LEU B 216 20.96 15.11 -13.77
CA LEU B 216 19.91 16.05 -14.16
C LEU B 216 20.43 17.48 -14.34
N ILE B 217 20.01 18.10 -15.44
CA ILE B 217 20.22 19.52 -15.62
C ILE B 217 19.21 20.25 -14.74
N CYS B 218 19.73 21.04 -13.81
CA CYS B 218 18.91 21.71 -12.79
C CYS B 218 18.04 22.82 -13.38
N GLN B 219 18.62 23.57 -14.32
CA GLN B 219 17.90 24.67 -14.98
C GLN B 219 16.64 24.14 -15.65
N GLY B 220 15.52 24.80 -15.37
CA GLY B 220 14.22 24.36 -15.88
C GLY B 220 13.58 23.29 -15.02
N ASN B 221 14.41 22.40 -14.46
CA ASN B 221 13.95 21.29 -13.62
C ASN B 221 14.04 21.59 -12.12
N GLN B 222 13.85 22.86 -11.77
CA GLN B 222 14.05 23.33 -10.39
C GLN B 222 13.19 22.55 -9.39
N ASP B 223 11.91 22.38 -9.68
CA ASP B 223 11.00 21.65 -8.78
C ASP B 223 11.53 20.27 -8.40
N VAL B 224 11.89 19.47 -9.40
CA VAL B 224 12.33 18.09 -9.15
C VAL B 224 13.73 18.02 -8.52
N VAL B 225 14.70 18.75 -9.06
CA VAL B 225 16.05 18.78 -8.48
C VAL B 225 16.02 19.24 -7.01
N GLU B 226 15.22 20.27 -6.72
CA GLU B 226 15.02 20.72 -5.33
C GLU B 226 14.42 19.62 -4.46
N ALA B 227 13.38 18.98 -4.96
CA ALA B 227 12.72 17.89 -4.24
C ALA B 227 13.69 16.73 -3.99
N ILE B 228 14.55 16.44 -4.97
CA ILE B 228 15.59 15.44 -4.80
C ILE B 228 16.57 15.86 -3.69
N ASP B 229 17.02 17.10 -3.73
CA ASP B 229 17.96 17.63 -2.73
C ASP B 229 17.34 17.61 -1.34
N ASN B 230 16.04 17.90 -1.26
CA ASN B 230 15.34 17.91 0.02
C ASN B 230 15.13 16.50 0.56
N ARG B 231 14.81 15.57 -0.34
CA ARG B 231 14.51 14.19 0.06
C ARG B 231 15.73 13.41 0.56
N LEU B 232 16.87 13.59 -0.10
CA LEU B 232 18.07 12.77 0.18
C LEU B 232 18.48 12.74 1.67
N PRO B 233 18.70 13.92 2.29
CA PRO B 233 19.09 13.88 3.70
C PRO B 233 17.96 13.38 4.62
N LEU B 234 16.70 13.70 4.30
CA LEU B 234 15.58 13.21 5.09
C LEU B 234 15.48 11.69 5.00
N LEU B 235 15.61 11.15 3.80
CA LEU B 235 15.50 9.70 3.59
C LEU B 235 16.68 8.96 4.24
N CYS B 236 17.88 9.51 4.11
CA CYS B 236 19.07 8.95 4.75
C CYS B 236 18.90 8.84 6.26
N ALA B 237 18.51 9.94 6.90
CA ALA B 237 18.31 9.97 8.36
C ALA B 237 17.12 9.10 8.79
N HIS B 238 16.07 9.11 7.98
CA HIS B 238 14.91 8.27 8.26
C HIS B 238 15.31 6.80 8.35
N ILE B 239 16.04 6.32 7.34
CA ILE B 239 16.43 4.91 7.30
C ILE B 239 17.39 4.58 8.42
N ARG B 240 18.41 5.42 8.62
CA ARG B 240 19.39 5.21 9.67
C ARG B 240 18.78 5.18 11.06
N GLN B 241 17.82 6.07 11.31
CA GLN B 241 17.22 6.20 12.65
C GLN B 241 16.12 5.18 12.89
N HIS B 242 15.31 4.90 11.88
CA HIS B 242 14.11 4.10 12.10
C HIS B 242 14.14 2.68 11.56
N TYR B 243 15.18 2.32 10.80
CA TYR B 243 15.31 0.94 10.30
C TYR B 243 16.41 0.15 11.00
N TRP B 244 17.33 0.83 11.67
CA TRP B 244 18.51 0.17 12.20
C TRP B 244 18.17 -0.70 13.40
N ILE B 245 18.54 -1.98 13.28
CA ILE B 245 18.41 -2.96 14.34
C ILE B 245 19.78 -3.45 14.80
N ASP B 246 20.05 -3.29 16.09
CA ASP B 246 21.10 -4.05 16.74
C ASP B 246 20.67 -4.30 18.18
N ILE B 247 21.44 -5.07 18.92
CA ILE B 247 21.01 -5.47 20.26
C ILE B 247 20.88 -4.25 21.20
N ASN B 248 21.82 -3.31 21.11
CA ASN B 248 21.76 -2.06 21.88
C ASN B 248 20.48 -1.31 21.57
N ARG B 249 20.12 -1.23 20.30
CA ARG B 249 18.94 -0.50 19.85
C ARG B 249 17.64 -1.13 20.31
N LEU B 250 17.55 -2.45 20.17
CA LEU B 250 16.37 -3.18 20.64
C LEU B 250 16.20 -3.02 22.14
N ASN B 251 17.28 -3.14 22.90
CA ASN B 251 17.20 -2.92 24.34
C ASN B 251 16.79 -1.49 24.68
N ALA B 252 17.26 -0.52 23.89
CA ALA B 252 16.90 0.89 24.13
C ALA B 252 15.39 1.10 23.89
N ILE B 253 14.85 0.44 22.87
CA ILE B 253 13.40 0.46 22.60
C ILE B 253 12.58 -0.13 23.75
N TYR B 254 13.05 -1.25 24.31
CA TYR B 254 12.34 -1.91 25.42
C TYR B 254 12.31 -1.08 26.70
N ARG B 255 13.43 -0.43 27.00
CA ARG B 255 13.56 0.41 28.21
C ARG B 255 13.05 1.85 28.00
N PHE B 256 12.77 2.21 26.76
CA PHE B 256 12.28 3.55 26.42
C PHE B 256 10.95 3.85 27.11
N LYS B 257 10.95 4.93 27.88
CA LYS B 257 9.78 5.33 28.67
C LYS B 257 8.89 6.25 27.86
N SER B 258 8.06 5.64 27.02
CA SER B 258 7.17 6.35 26.10
C SER B 258 6.14 7.24 26.77
N GLU B 259 5.70 6.83 27.95
CA GLU B 259 4.66 7.58 28.69
C GLU B 259 5.16 8.93 29.19
N GLU B 260 6.46 9.08 29.36
CA GLU B 260 7.02 10.35 29.82
C GLU B 260 6.72 11.48 28.84
N TYR B 261 6.62 12.68 29.38
CA TYR B 261 6.15 13.83 28.62
C TYR B 261 7.07 14.15 27.45
N GLY B 262 6.52 14.12 26.25
CA GLY B 262 7.27 14.45 25.04
C GLY B 262 8.08 13.32 24.43
N LYS B 263 8.00 12.13 25.00
CA LYS B 263 8.75 10.98 24.47
C LYS B 263 7.94 10.10 23.53
N ALA B 264 6.61 10.18 23.60
CA ALA B 264 5.76 9.43 22.68
C ALA B 264 6.15 9.67 21.22
N ALA B 265 6.34 10.94 20.87
CA ALA B 265 6.63 11.34 19.48
C ALA B 265 7.96 10.80 18.95
N VAL B 266 8.85 10.39 19.85
CA VAL B 266 10.12 9.76 19.47
C VAL B 266 9.86 8.47 18.71
N ASN B 267 8.88 7.71 19.19
CA ASN B 267 8.46 6.48 18.54
C ASN B 267 7.59 6.87 17.36
N LEU B 268 8.26 7.26 16.28
CA LEU B 268 7.62 7.85 15.12
C LEU B 268 6.50 6.98 14.53
N PHE B 269 6.74 5.68 14.48
CA PHE B 269 5.78 4.75 13.85
C PHE B 269 4.85 4.10 14.85
N ASN B 270 4.98 4.48 16.12
CA ASN B 270 4.15 3.94 17.16
C ASN B 270 4.26 2.41 17.18
N ILE B 271 5.50 1.93 17.15
CA ILE B 271 5.77 0.50 17.24
C ILE B 271 5.42 0.01 18.64
N TYR B 272 4.71 -1.10 18.71
CA TYR B 272 4.48 -1.74 20.00
C TYR B 272 5.52 -2.81 20.23
N VAL B 273 6.24 -2.65 21.33
CA VAL B 273 7.35 -3.50 21.74
C VAL B 273 6.99 -5.00 21.79
N ASP B 274 5.75 -5.31 22.17
CA ASP B 274 5.27 -6.69 22.23
C ASP B 274 5.32 -7.43 20.88
N SER B 275 5.37 -6.68 19.78
CA SER B 275 5.38 -7.26 18.44
C SER B 275 6.76 -7.76 17.98
N ILE B 276 7.81 -7.34 18.68
CA ILE B 276 9.19 -7.66 18.31
C ILE B 276 9.60 -9.02 18.90
N PRO B 277 10.10 -9.95 18.07
CA PRO B 277 10.52 -11.25 18.60
C PRO B 277 11.89 -11.15 19.26
N TYR B 278 11.90 -10.59 20.46
CA TYR B 278 13.12 -10.25 21.17
C TYR B 278 14.00 -11.45 21.46
N TYR B 279 13.39 -12.50 22.00
CA TYR B 279 14.10 -13.72 22.37
C TYR B 279 14.93 -14.24 21.20
N GLU B 280 14.29 -14.35 20.04
CA GLU B 280 14.91 -14.92 18.85
C GLU B 280 15.98 -14.01 18.25
N LEU B 281 15.73 -12.70 18.25
CA LEU B 281 16.70 -11.71 17.75
C LEU B 281 17.92 -11.56 18.66
N ASP B 282 17.66 -11.47 19.96
CA ASP B 282 18.72 -11.43 20.97
C ASP B 282 19.70 -12.57 20.75
N LYS B 283 19.15 -13.77 20.61
CA LYS B 283 19.90 -14.97 20.28
C LYS B 283 20.61 -14.89 18.93
N TRP B 284 19.92 -14.44 17.89
CA TRP B 284 20.48 -14.43 16.52
C TRP B 284 21.59 -13.38 16.32
N LEU B 285 21.39 -12.18 16.85
CA LEU B 285 22.30 -11.07 16.60
C LEU B 285 23.62 -11.23 17.33
N PRO B 286 24.75 -11.17 16.59
CA PRO B 286 26.02 -11.09 17.30
C PRO B 286 26.14 -9.79 18.08
N LYS B 287 27.00 -9.81 19.10
CA LYS B 287 27.31 -8.65 19.92
C LYS B 287 27.53 -7.38 19.10
N LYS B 288 28.34 -7.47 18.04
CA LYS B 288 28.70 -6.30 17.21
C LYS B 288 28.01 -6.31 15.84
N GLY B 289 26.96 -7.10 15.72
CA GLY B 289 26.24 -7.24 14.46
C GLY B 289 25.00 -6.37 14.45
N GLY B 290 24.44 -6.17 13.27
CA GLY B 290 23.20 -5.45 13.15
C GLY B 290 22.81 -5.36 11.70
N TYR B 291 21.62 -4.84 11.44
CA TYR B 291 21.14 -4.69 10.07
C TYR B 291 19.98 -3.73 9.99
N LEU B 292 19.63 -3.34 8.77
CA LEU B 292 18.47 -2.52 8.53
C LEU B 292 17.26 -3.41 8.39
N ALA B 293 16.19 -3.03 9.07
CA ALA B 293 14.94 -3.79 9.10
C ALA B 293 14.34 -3.95 7.72
N GLY B 294 13.54 -4.98 7.55
CA GLY B 294 12.94 -5.28 6.25
C GLY B 294 11.86 -4.30 5.86
N ASN B 295 11.19 -3.74 6.86
CA ASN B 295 10.04 -2.89 6.63
C ASN B 295 9.72 -2.15 7.92
N VAL B 296 9.32 -0.89 7.77
CA VAL B 296 8.85 -0.10 8.89
C VAL B 296 7.64 0.70 8.43
N GLY B 297 6.60 0.70 9.25
CA GLY B 297 5.41 1.50 8.98
C GLY B 297 4.66 1.64 10.28
N PRO B 298 3.51 2.33 10.26
CA PRO B 298 2.72 2.50 11.47
C PRO B 298 2.41 1.15 12.12
N SER B 299 2.78 1.02 13.40
CA SER B 299 2.64 -0.22 14.16
C SER B 299 3.15 -1.46 13.43
N GLN B 300 4.23 -1.26 12.68
CA GLN B 300 4.80 -2.31 11.82
C GLN B 300 6.32 -2.23 11.80
N LEU B 301 6.96 -3.25 12.35
CA LEU B 301 8.39 -3.45 12.19
C LEU B 301 8.60 -4.89 11.76
N ASP B 302 9.03 -5.07 10.52
CA ASP B 302 9.43 -6.35 9.99
C ASP B 302 10.91 -6.55 10.28
N THR B 303 11.22 -7.44 11.21
CA THR B 303 12.61 -7.66 11.61
C THR B 303 13.32 -8.71 10.76
N ARG B 304 12.70 -9.18 9.68
CA ARG B 304 13.43 -10.05 8.76
C ARG B 304 14.62 -9.31 8.20
N PHE B 305 15.70 -10.06 8.01
CA PHE B 305 16.87 -9.55 7.33
C PHE B 305 16.68 -9.75 5.83
N PHE B 306 16.78 -8.66 5.06
CA PHE B 306 16.72 -8.74 3.60
C PHE B 306 18.08 -8.39 3.02
N ALA B 307 18.63 -9.31 2.23
CA ALA B 307 20.01 -9.21 1.79
C ALA B 307 20.24 -8.05 0.83
N LEU B 308 19.43 -7.97 -0.23
CA LEU B 308 19.63 -6.97 -1.27
C LEU B 308 19.65 -5.57 -0.68
N GLY B 309 18.66 -5.25 0.15
CA GLY B 309 18.58 -3.94 0.80
C GLY B 309 19.78 -3.62 1.67
N ASN B 310 20.18 -4.59 2.49
CA ASN B 310 21.33 -4.36 3.37
C ASN B 310 22.65 -4.19 2.63
N LEU B 311 22.87 -5.02 1.62
CA LEU B 311 24.09 -4.93 0.83
C LEU B 311 24.12 -3.66 0.00
N MSE B 312 23.00 -3.32 -0.61
CA MSE B 312 22.94 -2.07 -1.39
C MSE B 312 23.06 -0.85 -0.51
O MSE B 312 23.54 0.20 -0.96
CB MSE B 312 21.67 -2.03 -2.25
CG MSE B 312 21.80 -2.89 -3.51
SE MSE B 312 23.27 -2.32 -4.72
CE MSE B 312 22.72 -0.46 -4.98
N ALA B 313 22.64 -0.95 0.75
CA ALA B 313 22.81 0.14 1.71
C ALA B 313 24.29 0.43 2.01
N ILE B 314 25.09 -0.63 2.04
CA ILE B 314 26.53 -0.50 2.20
C ILE B 314 27.13 0.16 0.98
N ILE B 315 26.76 -0.34 -0.19
CA ILE B 315 27.34 0.10 -1.46
C ILE B 315 27.04 1.59 -1.73
N SER B 316 25.82 2.02 -1.42
CA SER B 316 25.38 3.40 -1.68
C SER B 316 25.73 4.41 -0.57
N ASP B 317 26.44 3.96 0.47
CA ASP B 317 26.70 4.74 1.68
C ASP B 317 25.43 5.23 2.42
N LEU B 318 24.33 4.50 2.27
CA LEU B 318 23.13 4.79 3.01
C LEU B 318 23.35 4.38 4.46
N ALA B 319 23.86 3.17 4.65
CA ALA B 319 24.30 2.72 5.96
C ALA B 319 25.54 3.52 6.34
N THR B 320 25.66 3.91 7.60
CA THR B 320 26.88 4.54 8.08
C THR B 320 28.02 3.54 7.97
N GLU B 321 29.24 4.01 8.13
CA GLU B 321 30.41 3.13 8.09
C GLU B 321 30.31 2.06 9.18
N GLU B 322 29.90 2.49 10.38
CA GLU B 322 29.72 1.59 11.52
C GLU B 322 28.60 0.55 11.26
N GLN B 323 27.51 1.01 10.65
CA GLN B 323 26.41 0.12 10.28
C GLN B 323 26.85 -0.93 9.27
N SER B 324 27.67 -0.51 8.31
CA SER B 324 28.21 -1.38 7.28
C SER B 324 29.05 -2.49 7.87
N GLN B 325 29.96 -2.13 8.78
CA GLN B 325 30.77 -3.14 9.49
C GLN B 325 29.89 -4.04 10.35
N ALA B 326 28.82 -3.50 10.92
CA ALA B 326 27.88 -4.30 11.70
C ALA B 326 27.14 -5.32 10.84
N ILE B 327 26.77 -4.91 9.62
CA ILE B 327 26.10 -5.81 8.67
C ILE B 327 27.05 -6.93 8.25
N MSE B 328 28.29 -6.55 7.92
CA MSE B 328 29.31 -7.52 7.55
C MSE B 328 29.60 -8.47 8.68
O MSE B 328 29.79 -9.66 8.46
CB MSE B 328 30.62 -6.84 7.15
CG MSE B 328 30.49 -6.14 5.82
SE MSE B 328 30.13 -7.46 4.40
CE MSE B 328 28.68 -6.47 3.56
N THR B 329 29.66 -7.95 9.90
CA THR B 329 29.86 -8.80 11.09
C THR B 329 28.72 -9.80 11.25
N LEU B 330 27.49 -9.37 10.96
CA LEU B 330 26.35 -10.28 11.04
C LEU B 330 26.49 -11.42 10.04
N ILE B 331 26.89 -11.07 8.82
CA ILE B 331 27.04 -12.05 7.75
C ILE B 331 28.14 -13.05 8.07
N GLU B 332 29.25 -12.58 8.62
CA GLU B 332 30.34 -13.49 8.99
C GLU B 332 29.90 -14.44 10.09
N ASP B 333 29.30 -13.89 11.13
CA ASP B 333 29.00 -14.65 12.33
C ASP B 333 27.78 -15.55 12.16
N ARG B 334 26.89 -15.19 11.25
CA ARG B 334 25.73 -16.05 10.93
C ARG B 334 25.82 -16.54 9.51
N TRP B 335 27.04 -16.82 9.10
CA TRP B 335 27.37 -17.34 7.78
C TRP B 335 26.54 -18.55 7.42
N GLU B 336 26.34 -19.47 8.38
CA GLU B 336 25.57 -20.68 8.08
C GLU B 336 24.09 -20.38 7.82
N ASP B 337 23.54 -19.39 8.51
CA ASP B 337 22.16 -18.96 8.30
C ASP B 337 21.97 -18.22 6.99
N LEU B 338 22.93 -17.35 6.65
CA LEU B 338 22.77 -16.40 5.54
C LEU B 338 23.42 -16.82 4.22
N VAL B 339 24.43 -17.68 4.28
CA VAL B 339 25.11 -18.17 3.08
C VAL B 339 24.98 -19.68 2.98
N GLY B 340 25.34 -20.38 4.04
CA GLY B 340 25.26 -21.84 4.08
C GLY B 340 26.03 -22.47 2.93
N ASP B 341 25.34 -23.29 2.13
CA ASP B 341 25.96 -23.97 0.98
C ASP B 341 25.73 -23.28 -0.37
N MSE B 342 25.14 -22.09 -0.36
CA MSE B 342 24.93 -21.32 -1.60
C MSE B 342 24.67 -19.88 -1.27
O MSE B 342 23.62 -19.56 -0.72
CB MSE B 342 23.73 -21.86 -2.39
CG MSE B 342 23.52 -21.11 -3.71
SE MSE B 342 25.14 -21.05 -4.84
CE MSE B 342 25.50 -22.99 -4.88
N PRO B 343 25.60 -18.97 -1.58
CA PRO B 343 25.26 -17.57 -1.34
C PRO B 343 24.11 -17.13 -2.27
N MSE B 344 23.11 -16.41 -1.76
CA MSE B 344 22.86 -16.21 -0.34
C MSE B 344 21.38 -16.02 -0.14
O MSE B 344 20.63 -15.82 -1.10
CB MSE B 344 23.67 -15.02 0.19
CG MSE B 344 22.93 -13.70 0.07
SE MSE B 344 24.12 -12.28 0.72
CE MSE B 344 23.89 -12.42 2.67
N LYS B 345 20.97 -16.06 1.13
CA LYS B 345 19.56 -15.90 1.46
C LYS B 345 19.02 -14.55 1.06
N ILE B 346 17.93 -14.58 0.29
CA ILE B 346 17.24 -13.36 -0.10
C ILE B 346 16.68 -12.65 1.13
N CYS B 347 16.23 -13.43 2.10
CA CYS B 347 15.81 -12.91 3.39
C CYS B 347 15.92 -13.99 4.44
N TYR B 348 15.79 -13.58 5.70
CA TYR B 348 15.94 -14.49 6.80
C TYR B 348 15.22 -13.95 8.02
N PRO B 349 14.47 -14.83 8.73
CA PRO B 349 14.19 -16.22 8.45
C PRO B 349 12.99 -16.41 7.53
N ALA B 350 12.61 -17.66 7.31
CA ALA B 350 11.42 -17.97 6.53
C ALA B 350 10.18 -17.60 7.32
N LEU B 351 9.12 -17.21 6.62
CA LEU B 351 7.78 -17.18 7.20
C LEU B 351 7.31 -18.63 7.25
N GLU B 352 6.84 -19.07 8.41
CA GLU B 352 6.39 -20.45 8.56
C GLU B 352 5.07 -20.53 9.29
N ASN B 353 4.44 -21.71 9.19
CA ASN B 353 3.22 -22.01 9.92
C ASN B 353 2.11 -20.97 9.67
N GLU B 354 1.49 -20.50 10.74
CA GLU B 354 0.40 -19.53 10.66
C GLU B 354 0.84 -18.24 9.96
N GLU B 355 2.04 -17.76 10.26
CA GLU B 355 2.54 -16.54 9.64
C GLU B 355 2.69 -16.67 8.11
N TYR B 356 3.17 -17.83 7.67
CA TYR B 356 3.23 -18.16 6.25
C TYR B 356 1.85 -18.06 5.58
N ARG B 357 0.83 -18.56 6.27
CA ARG B 357 -0.53 -18.62 5.70
C ARG B 357 -1.14 -17.22 5.59
N ILE B 358 -1.01 -16.46 6.67
CA ILE B 358 -1.54 -15.10 6.76
C ILE B 358 -0.80 -14.15 5.82
N VAL B 359 0.53 -14.21 5.84
CA VAL B 359 1.32 -13.25 5.10
C VAL B 359 1.40 -13.54 3.59
N THR B 360 1.51 -14.81 3.20
CA THR B 360 1.68 -15.14 1.78
C THR B 360 0.39 -15.57 1.08
N GLY B 361 -0.67 -15.76 1.84
CA GLY B 361 -1.90 -16.35 1.34
C GLY B 361 -1.76 -17.81 0.93
N CYS B 362 -0.84 -18.53 1.57
CA CYS B 362 -0.52 -19.91 1.19
C CYS B 362 -0.04 -20.05 -0.25
N ASP B 363 0.86 -19.16 -0.66
CA ASP B 363 1.46 -19.23 -1.97
C ASP B 363 2.30 -20.50 -2.04
N PRO B 364 1.94 -21.44 -2.90
CA PRO B 364 2.68 -22.70 -3.00
C PRO B 364 4.13 -22.50 -3.40
N LYS B 365 4.38 -21.53 -4.26
CA LYS B 365 5.75 -21.29 -4.68
C LYS B 365 6.63 -20.76 -3.55
N ASN B 366 6.03 -20.07 -2.60
CA ASN B 366 6.78 -19.47 -1.52
C ASN B 366 6.78 -20.16 -0.14
N ILE B 367 6.74 -21.49 -0.16
CA ILE B 367 6.84 -22.29 1.05
C ILE B 367 8.17 -21.97 1.79
N PRO B 368 8.25 -22.24 3.09
CA PRO B 368 9.43 -21.93 3.89
C PRO B 368 10.76 -22.38 3.28
N TRP B 369 11.74 -21.48 3.29
CA TRP B 369 13.12 -21.74 2.79
C TRP B 369 13.16 -22.01 1.29
N SER B 370 12.14 -21.55 0.58
CA SER B 370 12.07 -21.70 -0.86
C SER B 370 11.78 -20.38 -1.56
N TYR B 371 12.43 -20.20 -2.71
CA TYR B 371 12.17 -19.07 -3.60
C TYR B 371 12.30 -17.74 -2.85
N HIS B 372 11.27 -16.90 -2.85
CA HIS B 372 11.32 -15.61 -2.15
C HIS B 372 11.33 -15.73 -0.63
N ASN B 373 10.74 -16.81 -0.13
CA ASN B 373 10.58 -17.01 1.30
C ASN B 373 11.83 -17.67 1.89
N ALA B 374 12.91 -16.88 1.94
CA ALA B 374 14.24 -17.31 2.43
C ALA B 374 14.88 -18.46 1.62
N GLY B 375 14.64 -18.43 0.32
CA GLY B 375 15.43 -19.23 -0.59
C GLY B 375 16.79 -18.59 -0.77
N SER B 376 17.69 -19.32 -1.41
CA SER B 376 19.05 -18.84 -1.66
C SER B 376 19.21 -18.50 -3.13
N TRP B 377 19.68 -17.29 -3.41
CA TRP B 377 19.73 -16.75 -4.75
C TRP B 377 21.15 -16.38 -5.11
N PRO B 378 21.81 -17.19 -5.95
CA PRO B 378 23.17 -16.95 -6.41
C PRO B 378 23.43 -15.53 -6.90
N VAL B 379 22.47 -14.92 -7.61
CA VAL B 379 22.65 -13.55 -8.12
C VAL B 379 23.10 -12.59 -7.03
N LEU B 380 22.60 -12.76 -5.80
CA LEU B 380 22.96 -11.87 -4.70
C LEU B 380 24.45 -11.84 -4.38
N MSE B 381 25.20 -12.80 -4.90
CA MSE B 381 26.63 -12.86 -4.62
C MSE B 381 27.39 -11.69 -5.21
O MSE B 381 28.44 -11.34 -4.68
CB MSE B 381 27.24 -14.19 -5.01
CG MSE B 381 27.54 -14.41 -6.48
SE MSE B 381 28.29 -16.22 -6.52
CE MSE B 381 26.85 -16.98 -7.62
N TRP B 382 26.89 -11.08 -6.29
CA TRP B 382 27.59 -9.93 -6.85
C TRP B 382 27.53 -8.73 -5.90
N MSE B 383 26.40 -8.57 -5.21
CA MSE B 383 26.25 -7.48 -4.25
C MSE B 383 26.96 -7.80 -2.98
O MSE B 383 27.47 -6.89 -2.32
CB MSE B 383 24.78 -7.20 -3.99
CG MSE B 383 24.18 -6.59 -5.23
SE MSE B 383 22.25 -6.34 -4.98
CE MSE B 383 21.67 -8.05 -5.75
N LEU B 384 27.00 -9.07 -2.61
CA LEU B 384 27.79 -9.48 -1.45
C LEU B 384 29.26 -9.13 -1.67
N ALA B 385 29.75 -9.35 -2.88
CA ALA B 385 31.11 -9.02 -3.26
C ALA B 385 31.37 -7.52 -3.21
N ALA B 386 30.51 -6.77 -3.89
CA ALA B 386 30.59 -5.32 -3.90
C ALA B 386 30.63 -4.74 -2.49
N ALA B 387 29.68 -5.17 -1.66
CA ALA B 387 29.59 -4.74 -0.27
C ALA B 387 30.85 -5.10 0.54
N SER B 388 31.33 -6.33 0.37
CA SER B 388 32.53 -6.83 1.06
C SER B 388 33.77 -6.03 0.72
N VAL B 389 33.95 -5.76 -0.57
CA VAL B 389 35.03 -4.93 -1.06
C VAL B 389 34.90 -3.50 -0.53
N LYS B 390 33.72 -2.93 -0.66
CA LYS B 390 33.43 -1.59 -0.13
C LYS B 390 33.73 -1.52 1.37
N ALA B 391 33.43 -2.60 2.11
CA ALA B 391 33.64 -2.64 3.56
C ALA B 391 35.06 -3.04 3.96
N GLY B 392 35.95 -3.19 2.98
CA GLY B 392 37.32 -3.62 3.22
C GLY B 392 37.47 -5.03 3.73
N LYS B 393 36.49 -5.90 3.46
CA LYS B 393 36.59 -7.31 3.84
C LYS B 393 36.33 -8.22 2.65
N PRO B 394 37.18 -8.13 1.61
CA PRO B 394 36.93 -8.82 0.36
C PRO B 394 36.98 -10.35 0.48
N TYR B 395 37.67 -10.84 1.51
CA TYR B 395 37.73 -12.28 1.80
C TYR B 395 36.37 -12.91 2.05
N ILE B 396 35.41 -12.10 2.50
CA ILE B 396 34.03 -12.58 2.68
C ILE B 396 33.45 -13.03 1.34
N ALA B 397 33.63 -12.22 0.31
CA ALA B 397 33.18 -12.56 -1.03
C ALA B 397 33.94 -13.76 -1.59
N GLY B 398 35.25 -13.78 -1.41
CA GLY B 398 36.08 -14.92 -1.82
C GLY B 398 35.53 -16.24 -1.31
N LYS B 399 35.17 -16.27 -0.03
CA LYS B 399 34.57 -17.45 0.60
C LYS B 399 33.25 -17.85 -0.05
N ALA B 400 32.41 -16.85 -0.34
CA ALA B 400 31.14 -17.10 -1.02
C ALA B 400 31.35 -17.66 -2.43
N ILE B 401 32.32 -17.09 -3.16
CA ILE B 401 32.63 -17.54 -4.52
C ILE B 401 33.12 -19.00 -4.55
N GLU B 402 33.94 -19.36 -3.56
CA GLU B 402 34.44 -20.72 -3.41
C GLU B 402 33.30 -21.72 -3.20
N ILE B 403 32.33 -21.33 -2.39
CA ILE B 403 31.15 -22.17 -2.13
C ILE B 403 30.31 -22.31 -3.40
N ALA B 404 30.10 -21.22 -4.12
CA ALA B 404 29.33 -21.22 -5.36
C ALA B 404 29.99 -22.06 -6.45
N GLN B 405 31.30 -21.86 -6.60
CA GLN B 405 32.11 -22.58 -7.59
C GLN B 405 32.00 -24.08 -7.47
N ALA B 406 31.84 -24.56 -6.24
CA ALA B 406 31.72 -26.00 -6.00
C ALA B 406 30.53 -26.64 -6.72
N ARG B 407 29.42 -25.91 -6.84
CA ARG B 407 28.19 -26.54 -7.39
C ARG B 407 27.48 -25.89 -8.58
N LEU B 408 27.74 -24.62 -8.89
CA LEU B 408 26.96 -23.94 -9.94
C LEU B 408 27.08 -24.56 -11.34
N LEU B 409 28.29 -24.87 -11.77
CA LEU B 409 28.50 -25.47 -13.09
C LEU B 409 27.84 -26.85 -13.17
N GLU B 410 28.10 -27.69 -12.17
CA GLU B 410 27.53 -29.05 -12.11
C GLU B 410 26.01 -29.01 -12.13
N ASP B 411 25.43 -28.05 -11.40
CA ASP B 411 23.99 -27.93 -11.29
C ASP B 411 23.37 -27.15 -12.46
N GLU B 412 24.21 -26.70 -13.40
CA GLU B 412 23.75 -25.98 -14.60
C GLU B 412 23.10 -24.64 -14.26
N TRP B 413 23.76 -23.92 -13.34
CA TRP B 413 23.45 -22.51 -13.02
C TRP B 413 21.99 -22.27 -12.64
N PRO B 414 21.54 -22.87 -11.52
CA PRO B 414 20.13 -22.71 -11.23
C PRO B 414 19.78 -21.32 -10.78
N GLU B 415 18.51 -20.95 -11.01
CA GLU B 415 17.93 -19.68 -10.59
C GLU B 415 18.00 -19.48 -9.08
N TYR B 416 17.69 -20.55 -8.33
CA TYR B 416 17.70 -20.48 -6.87
C TYR B 416 17.85 -21.86 -6.25
N TYR B 417 18.14 -21.85 -4.95
CA TYR B 417 18.28 -23.07 -4.16
C TYR B 417 17.38 -22.96 -2.95
N ASP B 418 16.97 -24.11 -2.42
CA ASP B 418 16.06 -24.17 -1.27
C ASP B 418 16.69 -24.83 -0.05
N GLY B 419 15.99 -24.67 1.07
CA GLY B 419 16.40 -25.26 2.33
C GLY B 419 17.15 -24.27 3.19
N LYS B 420 17.22 -24.55 4.48
CA LYS B 420 17.90 -23.67 5.43
C LYS B 420 19.35 -23.38 5.06
N LYS B 421 20.01 -24.35 4.43
CA LYS B 421 21.42 -24.20 4.05
C LYS B 421 21.60 -24.01 2.56
N GLY B 422 20.51 -23.91 1.80
CA GLY B 422 20.57 -23.82 0.34
C GLY B 422 21.08 -25.07 -0.35
N ARG B 423 20.84 -26.24 0.27
CA ARG B 423 21.36 -27.51 -0.24
C ARG B 423 20.63 -28.01 -1.48
N LEU B 424 19.35 -27.71 -1.60
CA LEU B 424 18.56 -28.21 -2.73
C LEU B 424 18.46 -27.22 -3.87
N ILE B 425 18.70 -27.69 -5.08
CA ILE B 425 18.35 -26.96 -6.27
C ILE B 425 16.87 -26.64 -6.18
N GLY B 426 16.54 -25.37 -6.44
CA GLY B 426 15.22 -24.84 -6.17
C GLY B 426 14.12 -25.69 -6.77
N LYS B 427 13.04 -25.84 -6.02
CA LYS B 427 11.92 -26.71 -6.40
C LYS B 427 11.46 -26.51 -7.83
N GLN B 428 11.38 -25.26 -8.28
CA GLN B 428 11.01 -24.92 -9.65
C GLN B 428 12.06 -24.02 -10.32
N ALA B 429 13.31 -24.14 -9.88
CA ALA B 429 14.38 -23.28 -10.37
C ALA B 429 14.70 -23.60 -11.83
N ARG B 430 14.85 -22.56 -12.64
CA ARG B 430 15.26 -22.77 -14.02
C ARG B 430 16.76 -22.97 -14.08
N LYS B 431 17.21 -23.70 -15.09
CA LYS B 431 18.64 -23.88 -15.31
C LYS B 431 19.12 -22.80 -16.26
N TYR B 432 20.42 -22.57 -16.24
CA TYR B 432 21.05 -21.51 -17.04
C TYR B 432 20.36 -20.19 -16.80
N GLN B 433 20.11 -19.88 -15.54
CA GLN B 433 19.51 -18.61 -15.20
C GLN B 433 20.60 -17.53 -15.36
N THR B 434 20.34 -16.56 -16.22
CA THR B 434 21.37 -15.60 -16.60
C THR B 434 21.95 -14.80 -15.43
N TRP B 435 21.13 -14.31 -14.51
CA TRP B 435 21.71 -13.52 -13.40
C TRP B 435 22.48 -14.38 -12.41
N THR B 436 22.23 -15.69 -12.40
CA THR B 436 23.05 -16.62 -11.65
C THR B 436 24.46 -16.66 -12.24
N ILE B 437 24.52 -16.73 -13.58
CA ILE B 437 25.78 -16.78 -14.31
C ILE B 437 26.53 -15.45 -14.19
N ALA B 438 25.83 -14.37 -14.54
CA ALA B 438 26.39 -13.01 -14.48
C ALA B 438 26.76 -12.61 -13.04
N GLY B 439 25.91 -12.96 -12.09
CA GLY B 439 26.17 -12.69 -10.67
C GLY B 439 27.48 -13.32 -10.22
N PHE B 440 27.67 -14.58 -10.60
CA PHE B 440 28.92 -15.29 -10.37
C PHE B 440 30.12 -14.56 -10.98
N LEU B 441 30.05 -14.28 -12.27
CA LEU B 441 31.15 -13.60 -12.95
C LEU B 441 31.44 -12.24 -12.37
N LEU B 442 30.38 -11.48 -12.10
CA LEU B 442 30.53 -10.10 -11.66
C LEU B 442 31.18 -10.04 -10.29
N ALA B 443 30.83 -10.98 -9.42
CA ALA B 443 31.47 -11.12 -8.12
C ALA B 443 32.98 -11.27 -8.28
N ALA B 444 33.39 -12.17 -9.16
CA ALA B 444 34.81 -12.41 -9.44
C ALA B 444 35.50 -11.17 -10.00
N GLU B 445 34.84 -10.46 -10.91
CA GLU B 445 35.39 -9.23 -11.50
C GLU B 445 35.64 -8.13 -10.46
N LEU B 446 34.71 -8.01 -9.52
CA LEU B 446 34.80 -6.98 -8.48
C LEU B 446 35.92 -7.29 -7.49
N MSE B 447 36.14 -8.58 -7.25
CA MSE B 447 37.26 -9.03 -6.41
C MSE B 447 38.56 -8.63 -7.04
O MSE B 447 39.41 -8.01 -6.39
CB MSE B 447 37.28 -10.55 -6.28
CG MSE B 447 36.08 -11.12 -5.55
SE MSE B 447 36.31 -10.92 -3.62
CE MSE B 447 37.79 -12.19 -3.37
N LYS B 448 38.74 -9.00 -8.31
CA LYS B 448 39.94 -8.69 -9.07
C LYS B 448 40.20 -7.19 -9.16
N ASN B 449 39.15 -6.40 -9.32
CA ASN B 449 39.27 -4.96 -9.49
C ASN B 449 38.23 -4.17 -8.67
N PRO B 450 38.55 -3.89 -7.39
CA PRO B 450 37.69 -3.12 -6.51
C PRO B 450 37.27 -1.74 -7.03
N SER B 451 38.08 -1.13 -7.89
CA SER B 451 37.76 0.21 -8.42
C SER B 451 36.49 0.20 -9.29
N LEU B 452 36.08 -0.98 -9.75
CA LEU B 452 34.84 -1.12 -10.51
C LEU B 452 33.56 -0.78 -9.71
N LEU B 453 33.70 -0.68 -8.38
CA LEU B 453 32.60 -0.20 -7.51
C LEU B 453 32.04 1.15 -7.93
N SER B 454 32.85 1.96 -8.60
CA SER B 454 32.42 3.28 -9.04
C SER B 454 31.31 3.21 -10.09
N LEU B 455 31.13 2.05 -10.74
CA LEU B 455 30.00 1.86 -11.66
C LEU B 455 28.66 1.82 -10.94
N ILE B 456 28.68 1.47 -9.66
CA ILE B 456 27.46 1.22 -8.92
C ILE B 456 27.35 2.05 -7.63
N SER B 457 28.42 2.77 -7.29
CA SER B 457 28.41 3.74 -6.20
C SER B 457 28.93 5.08 -6.70
C1 GLC C . -11.26 7.61 15.76
C2 GLC C . -11.93 6.72 14.71
C3 GLC C . -12.29 7.53 13.47
C4 GLC C . -13.14 8.73 13.88
C5 GLC C . -12.38 9.57 14.90
C6 GLC C . -13.18 10.80 15.34
O2 GLC C . -11.08 5.63 14.37
O3 GLC C . -13.02 6.71 12.55
O4 GLC C . -13.47 9.51 12.73
O5 GLC C . -12.07 8.77 16.05
O6 GLC C . -14.42 10.42 15.95
C1 FRU C . -8.38 6.74 16.69
C2 FRU C . -8.98 8.09 16.35
C3 FRU C . -7.91 9.05 15.85
C4 FRU C . -8.41 10.38 16.34
C5 FRU C . -9.01 10.02 17.68
C6 FRU C . -10.13 10.94 18.11
O1 FRU C . -8.04 6.03 15.49
O2 FRU C . -9.97 8.00 15.30
O3 FRU C . -7.76 9.05 14.43
O4 FRU C . -7.33 11.31 16.45
O5 FRU C . -9.51 8.68 17.53
O6 FRU C . -10.54 10.59 19.44
C1 GLC D . 10.80 -14.10 -11.09
C2 GLC D . 11.54 -13.37 -9.97
C3 GLC D . 12.05 -12.01 -10.43
C4 GLC D . 12.89 -12.17 -11.69
C5 GLC D . 12.08 -12.91 -12.75
C6 GLC D . 12.90 -13.12 -14.02
O2 GLC D . 10.65 -13.18 -8.87
O3 GLC D . 12.83 -11.41 -9.41
O4 GLC D . 13.27 -10.88 -12.18
O5 GLC D . 11.65 -14.16 -12.24
O6 GLC D . 14.05 -13.91 -13.74
C1 FRU D . 7.68 -14.58 -10.31
C2 FRU D . 8.43 -14.25 -11.60
C3 FRU D . 7.50 -13.53 -12.54
C4 FRU D . 8.00 -13.93 -13.91
C5 FRU D . 8.46 -15.36 -13.67
C6 FRU D . 9.66 -15.73 -14.53
O1 FRU D . 8.58 -14.67 -9.22
O2 FRU D . 9.58 -13.43 -11.39
O3 FRU D . 7.57 -12.12 -12.35
O4 FRU D . 6.99 -13.85 -14.89
O5 FRU D . 8.79 -15.46 -12.28
O6 FRU D . 9.94 -17.12 -14.36
#